data_9C08
#
_entry.id   9C08
#
_cell.length_a   1.00
_cell.length_b   1.00
_cell.length_c   1.00
_cell.angle_alpha   90.00
_cell.angle_beta   90.00
_cell.angle_gamma   90.00
#
_symmetry.space_group_name_H-M   'P 1'
#
_entity_poly.entity_id   1
_entity_poly.type   'polypeptide(L)'
_entity_poly.pdbx_seq_one_letter_code
;MDKFAEHEIPKAVIVAGNGESLSQIDYRLLPKNYDVFRCNQFYFEERYFLGNKIKAVFFTPGVFLEQYYTLYHLKRNNEY
FVDNVILSSFNHPTVDLEKSQKIQALFIDVINGYEKHLSKLTAFDVYLRYKELYENQRITSGVYMCAVAIAMGYTDIYLT
GIDFYQASEENYAFDNKKPNIIRLLPDFRKEKTLFSYHSKDIDLEALSFLQQHYHVNFYSISPMSPLSKHFPIPTVEDDC
ETTFVAPLKENYINDILLPPHFVYEKLGTIVSKKSRFHSNLIVRLIRDLLKLPSALKHYLKEK
;
_entity_poly.pdbx_strand_id   A,B,C,D
#
# COMPACT_ATOMS: atom_id res chain seq x y z
N PRO A 10 -6.69 -28.88 17.17
CA PRO A 10 -7.08 -30.21 17.64
C PRO A 10 -8.58 -30.47 17.56
N LYS A 11 -9.16 -31.05 18.61
CA LYS A 11 -10.57 -31.38 18.63
C LYS A 11 -11.33 -30.70 19.77
N ALA A 12 -10.75 -30.64 20.96
CA ALA A 12 -11.43 -30.09 22.12
C ALA A 12 -10.72 -28.83 22.61
N VAL A 13 -11.52 -27.89 23.11
CA VAL A 13 -11.00 -26.65 23.67
C VAL A 13 -11.96 -26.13 24.75
N ILE A 14 -11.40 -25.63 25.85
CA ILE A 14 -12.20 -25.10 26.94
C ILE A 14 -12.02 -23.58 26.93
N VAL A 15 -13.14 -22.85 26.86
CA VAL A 15 -13.13 -21.40 26.93
C VAL A 15 -13.75 -20.99 28.26
N ALA A 16 -13.08 -20.08 28.96
CA ALA A 16 -13.45 -19.68 30.31
C ALA A 16 -13.58 -18.17 30.40
N GLY A 17 -14.56 -17.72 31.18
CA GLY A 17 -14.74 -16.31 31.45
C GLY A 17 -14.32 -15.94 32.85
N ASN A 18 -14.74 -14.76 33.31
CA ASN A 18 -14.43 -14.28 34.65
C ASN A 18 -15.65 -14.24 35.55
N GLY A 19 -16.65 -15.05 35.24
CA GLY A 19 -17.88 -15.08 36.03
C GLY A 19 -17.69 -15.79 37.36
N GLU A 20 -18.75 -15.75 38.16
CA GLU A 20 -18.72 -16.34 39.49
C GLU A 20 -18.90 -17.85 39.47
N SER A 21 -19.21 -18.45 38.32
CA SER A 21 -19.35 -19.89 38.19
C SER A 21 -18.05 -20.58 37.81
N LEU A 22 -16.95 -19.85 37.68
CA LEU A 22 -15.67 -20.46 37.36
C LEU A 22 -15.18 -21.36 38.48
N SER A 23 -15.62 -21.13 39.72
CA SER A 23 -15.22 -21.93 40.86
C SER A 23 -16.12 -23.14 41.10
N GLN A 24 -17.13 -23.34 40.25
CA GLN A 24 -18.09 -24.43 40.43
C GLN A 24 -18.03 -25.40 39.28
N ILE A 25 -16.83 -25.73 38.81
CA ILE A 25 -16.64 -26.61 37.67
C ILE A 25 -16.61 -28.05 38.16
N ASP A 26 -17.35 -28.93 37.47
CA ASP A 26 -17.30 -30.36 37.74
C ASP A 26 -16.21 -30.97 36.87
N TYR A 27 -15.17 -31.50 37.51
CA TYR A 27 -13.99 -31.98 36.80
C TYR A 27 -14.15 -33.39 36.25
N ARG A 28 -15.29 -34.05 36.50
CA ARG A 28 -15.56 -35.35 35.91
C ARG A 28 -16.00 -35.27 34.46
N LEU A 29 -16.41 -34.10 33.99
CA LEU A 29 -16.91 -33.93 32.63
C LEU A 29 -15.85 -33.48 31.64
N LEU A 30 -14.64 -33.17 32.11
CA LEU A 30 -13.60 -32.67 31.22
C LEU A 30 -13.07 -33.79 30.33
N PRO A 31 -12.69 -33.49 29.09
CA PRO A 31 -12.11 -34.51 28.20
C PRO A 31 -10.67 -34.81 28.60
N LYS A 32 -10.02 -35.64 27.79
CA LYS A 32 -8.64 -36.03 28.07
C LYS A 32 -7.66 -34.94 27.64
N ASN A 33 -7.64 -34.62 26.35
CA ASN A 33 -6.74 -33.60 25.80
C ASN A 33 -7.55 -32.38 25.40
N TYR A 34 -7.11 -31.20 25.83
CA TYR A 34 -7.85 -29.97 25.56
C TYR A 34 -6.92 -28.78 25.71
N ASP A 35 -7.38 -27.64 25.20
CA ASP A 35 -6.68 -26.37 25.32
C ASP A 35 -7.58 -25.38 26.05
N VAL A 36 -6.95 -24.38 26.69
CA VAL A 36 -7.65 -23.41 27.53
C VAL A 36 -7.47 -22.02 26.93
N PHE A 37 -8.56 -21.26 26.86
CA PHE A 37 -8.55 -19.88 26.41
C PHE A 37 -8.95 -18.98 27.57
N ARG A 38 -8.18 -17.92 27.79
CA ARG A 38 -8.46 -16.96 28.85
C ARG A 38 -8.50 -15.55 28.26
N CYS A 39 -9.06 -14.62 29.01
CA CYS A 39 -9.20 -13.25 28.52
C CYS A 39 -9.27 -12.27 29.69
N ASN A 40 -8.80 -11.05 29.42
CA ASN A 40 -8.93 -9.89 30.33
C ASN A 40 -8.24 -10.20 31.65
N GLN A 41 -8.89 -9.99 32.79
CA GLN A 41 -8.24 -10.09 34.10
C GLN A 41 -8.28 -11.52 34.62
N PHE A 42 -7.69 -12.43 33.85
CA PHE A 42 -7.67 -13.84 34.23
C PHE A 42 -6.74 -14.13 35.39
N TYR A 43 -5.88 -13.20 35.78
CA TYR A 43 -4.90 -13.41 36.83
C TYR A 43 -5.41 -13.01 38.21
N PHE A 44 -6.70 -12.73 38.35
CA PHE A 44 -7.30 -12.43 39.64
C PHE A 44 -7.77 -13.66 40.39
N GLU A 45 -7.55 -14.85 39.83
CA GLU A 45 -7.97 -16.08 40.49
C GLU A 45 -7.26 -16.25 41.82
N GLU A 46 -8.01 -16.72 42.83
CA GLU A 46 -7.42 -17.11 44.09
C GLU A 46 -6.93 -18.56 44.08
N ARG A 47 -7.28 -19.33 43.05
CA ARG A 47 -6.84 -20.72 42.92
C ARG A 47 -6.57 -21.00 41.45
N TYR A 48 -5.77 -22.03 41.20
CA TYR A 48 -5.48 -22.49 39.85
C TYR A 48 -6.59 -23.43 39.40
N PHE A 49 -7.68 -22.84 38.90
CA PHE A 49 -8.83 -23.64 38.49
C PHE A 49 -8.52 -24.47 37.25
N LEU A 50 -7.79 -23.90 36.29
CA LEU A 50 -7.52 -24.56 35.02
C LEU A 50 -6.02 -24.70 34.75
N GLY A 51 -5.22 -24.73 35.80
CA GLY A 51 -3.79 -24.88 35.64
C GLY A 51 -3.10 -23.58 35.27
N ASN A 52 -1.83 -23.72 34.86
CA ASN A 52 -1.01 -22.57 34.50
C ASN A 52 -0.56 -22.63 33.04
N LYS A 53 -1.20 -23.44 32.22
CA LYS A 53 -0.89 -23.55 30.80
C LYS A 53 -2.04 -22.96 30.00
N ILE A 54 -1.75 -21.94 29.19
CA ILE A 54 -2.76 -21.22 28.43
C ILE A 54 -2.36 -21.20 26.97
N LYS A 55 -3.28 -21.62 26.10
CA LYS A 55 -2.99 -21.66 24.67
C LYS A 55 -2.98 -20.27 24.06
N ALA A 56 -3.93 -19.41 24.44
CA ALA A 56 -4.02 -18.07 23.88
C ALA A 56 -4.73 -17.16 24.88
N VAL A 57 -4.42 -15.87 24.81
CA VAL A 57 -5.02 -14.87 25.67
C VAL A 57 -5.53 -13.73 24.81
N PHE A 58 -6.58 -13.06 25.28
CA PHE A 58 -7.26 -12.02 24.52
C PHE A 58 -7.28 -10.73 25.33
N PHE A 59 -6.86 -9.63 24.71
CA PHE A 59 -6.85 -8.31 25.34
C PHE A 59 -7.58 -7.32 24.45
N THR A 60 -8.50 -6.56 25.03
CA THR A 60 -9.27 -5.60 24.28
C THR A 60 -8.44 -4.36 23.96
N PRO A 61 -8.68 -3.69 22.83
CA PRO A 61 -7.90 -2.49 22.50
C PRO A 61 -8.11 -1.34 23.45
N GLY A 62 -9.20 -1.33 24.23
CA GLY A 62 -9.47 -0.21 25.12
C GLY A 62 -8.38 -0.03 26.16
N VAL A 63 -7.95 -1.13 26.78
CA VAL A 63 -6.85 -1.13 27.74
C VAL A 63 -5.89 -2.23 27.30
N PHE A 64 -4.77 -1.84 26.73
CA PHE A 64 -3.80 -2.79 26.23
C PHE A 64 -2.39 -2.55 26.76
N LEU A 65 -1.99 -1.29 26.94
CA LEU A 65 -0.67 -1.00 27.46
C LEU A 65 -0.52 -1.46 28.91
N GLU A 66 -1.57 -1.30 29.73
CA GLU A 66 -1.53 -1.77 31.10
C GLU A 66 -1.64 -3.28 31.21
N GLN A 67 -2.07 -3.97 30.15
CA GLN A 67 -2.18 -5.41 30.15
C GLN A 67 -0.92 -6.12 29.66
N TYR A 68 -0.27 -5.60 28.62
CA TYR A 68 0.97 -6.20 28.14
C TYR A 68 2.06 -6.13 29.19
N TYR A 69 2.17 -5.00 29.89
CA TYR A 69 3.15 -4.85 30.96
C TYR A 69 2.90 -5.85 32.09
N THR A 70 1.64 -6.00 32.51
CA THR A 70 1.30 -6.95 33.56
C THR A 70 1.57 -8.39 33.12
N LEU A 71 1.26 -8.71 31.86
CA LEU A 71 1.53 -10.05 31.36
C LEU A 71 3.02 -10.33 31.31
N TYR A 72 3.82 -9.34 30.90
CA TYR A 72 5.27 -9.51 30.92
C TYR A 72 5.79 -9.77 32.32
N HIS A 73 5.29 -9.00 33.30
CA HIS A 73 5.71 -9.21 34.68
C HIS A 73 5.29 -10.58 35.20
N LEU A 74 4.08 -11.03 34.84
CA LEU A 74 3.62 -12.35 35.27
C LEU A 74 4.47 -13.45 34.66
N LYS A 75 4.80 -13.34 33.37
CA LYS A 75 5.61 -14.37 32.72
C LYS A 75 7.05 -14.35 33.22
N ARG A 76 7.56 -13.20 33.63
CA ARG A 76 8.91 -13.12 34.15
C ARG A 76 9.04 -13.86 35.49
N ASN A 77 7.99 -13.80 36.32
CA ASN A 77 8.03 -14.43 37.63
C ASN A 77 7.66 -15.91 37.60
N ASN A 78 7.40 -16.47 36.41
CA ASN A 78 7.06 -17.88 36.24
C ASN A 78 5.78 -18.23 37.00
N GLU A 79 4.69 -17.56 36.64
CA GLU A 79 3.37 -17.86 37.17
C GLU A 79 2.43 -18.47 36.14
N TYR A 80 2.57 -18.09 34.86
CA TYR A 80 1.77 -18.66 33.78
C TYR A 80 2.66 -18.90 32.59
N PHE A 81 2.22 -19.80 31.71
CA PHE A 81 2.93 -20.15 30.48
C PHE A 81 2.01 -19.87 29.31
N VAL A 82 2.04 -18.64 28.81
CA VAL A 82 1.19 -18.22 27.70
C VAL A 82 1.93 -18.42 26.38
N ASP A 83 1.21 -18.86 25.36
CA ASP A 83 1.79 -19.12 24.05
C ASP A 83 1.54 -17.99 23.05
N ASN A 84 0.31 -17.50 22.96
CA ASN A 84 -0.04 -16.46 22.00
C ASN A 84 -0.78 -15.34 22.69
N VAL A 85 -0.70 -14.15 22.08
CA VAL A 85 -1.44 -12.97 22.52
C VAL A 85 -2.24 -12.47 21.33
N ILE A 86 -3.56 -12.35 21.50
CA ILE A 86 -4.47 -12.01 20.41
C ILE A 86 -5.21 -10.73 20.77
N LEU A 87 -5.24 -9.79 19.83
CA LEU A 87 -5.95 -8.53 20.02
C LEU A 87 -7.39 -8.69 19.54
N SER A 88 -8.35 -8.40 20.42
CA SER A 88 -9.77 -8.56 20.11
C SER A 88 -10.30 -7.31 19.45
N SER A 89 -10.00 -7.18 18.16
CA SER A 89 -10.41 -6.04 17.36
C SER A 89 -11.32 -6.49 16.22
N PHE A 90 -12.37 -5.71 15.96
CA PHE A 90 -13.28 -5.96 14.86
C PHE A 90 -12.89 -5.25 13.58
N ASN A 91 -11.90 -4.35 13.63
CA ASN A 91 -11.47 -3.56 12.47
C ASN A 91 -12.65 -2.81 11.84
N HIS A 92 -13.52 -2.29 12.69
CA HIS A 92 -14.63 -1.48 12.17
C HIS A 92 -14.30 -0.01 12.33
N PRO A 93 -14.59 0.81 11.31
CA PRO A 93 -14.15 2.22 11.34
C PRO A 93 -14.75 3.02 12.48
N THR A 94 -15.87 2.60 13.06
CA THR A 94 -16.57 3.40 14.05
C THR A 94 -16.21 3.03 15.49
N VAL A 95 -15.37 2.02 15.71
CA VAL A 95 -15.03 1.64 17.07
C VAL A 95 -13.53 1.65 17.33
N ASP A 96 -12.79 0.77 16.64
CA ASP A 96 -11.39 0.55 17.00
C ASP A 96 -10.49 0.35 15.78
N LEU A 97 -10.80 1.01 14.66
CA LEU A 97 -9.98 0.81 13.47
C LEU A 97 -8.61 1.46 13.61
N GLU A 98 -8.57 2.71 14.08
CA GLU A 98 -7.29 3.42 14.19
C GLU A 98 -6.49 2.96 15.40
N LYS A 99 -7.16 2.64 16.50
CA LYS A 99 -6.47 2.18 17.69
C LYS A 99 -5.76 0.85 17.46
N SER A 100 -6.38 -0.04 16.67
CA SER A 100 -5.72 -1.30 16.33
C SER A 100 -4.44 -1.07 15.56
N GLN A 101 -4.47 -0.15 14.59
CA GLN A 101 -3.25 0.17 13.85
C GLN A 101 -2.19 0.78 14.76
N LYS A 102 -2.60 1.66 15.67
CA LYS A 102 -1.65 2.24 16.61
C LYS A 102 -1.00 1.18 17.48
N ILE A 103 -1.80 0.21 17.96
CA ILE A 103 -1.25 -0.86 18.79
C ILE A 103 -0.31 -1.74 17.98
N GLN A 104 -0.70 -2.09 16.76
CA GLN A 104 0.14 -2.96 15.93
C GLN A 104 1.42 -2.28 15.49
N ALA A 105 1.45 -0.95 15.43
CA ALA A 105 2.68 -0.24 15.07
C ALA A 105 3.71 -0.28 16.18
N LEU A 106 3.32 -0.60 17.41
CA LEU A 106 4.23 -0.64 18.55
C LEU A 106 4.76 -2.03 18.87
N PHE A 107 3.96 -3.07 18.69
CA PHE A 107 4.33 -4.43 19.02
C PHE A 107 4.35 -5.29 17.77
N ILE A 108 5.21 -6.31 17.79
CA ILE A 108 5.34 -7.22 16.67
C ILE A 108 4.90 -8.64 16.98
N ASP A 109 4.73 -8.99 18.26
CA ASP A 109 4.32 -10.33 18.66
C ASP A 109 2.84 -10.42 18.97
N VAL A 110 2.06 -9.39 18.64
CA VAL A 110 0.63 -9.37 18.89
C VAL A 110 -0.10 -9.76 17.61
N ILE A 111 -1.02 -10.72 17.72
CA ILE A 111 -1.77 -11.24 16.59
C ILE A 111 -3.12 -10.53 16.53
N ASN A 112 -3.45 -9.99 15.36
CA ASN A 112 -4.75 -9.35 15.18
C ASN A 112 -5.81 -10.40 14.90
N GLY A 113 -6.86 -10.43 15.73
CA GLY A 113 -7.88 -11.46 15.62
C GLY A 113 -8.69 -11.43 14.34
N TYR A 114 -9.13 -10.24 13.91
CA TYR A 114 -10.00 -10.14 12.75
C TYR A 114 -9.29 -10.55 11.47
N GLU A 115 -8.07 -10.07 11.25
CA GLU A 115 -7.36 -10.34 10.01
C GLU A 115 -7.01 -11.81 9.87
N LYS A 116 -6.73 -12.47 11.00
CA LYS A 116 -6.23 -13.84 10.98
C LYS A 116 -7.33 -14.90 11.09
N HIS A 117 -8.33 -14.69 11.94
CA HIS A 117 -9.29 -15.76 12.19
C HIS A 117 -10.73 -15.35 11.93
N LEU A 118 -11.09 -14.12 12.29
CA LEU A 118 -12.48 -13.69 12.24
C LEU A 118 -12.95 -13.28 10.84
N SER A 119 -12.03 -13.06 9.91
CA SER A 119 -12.40 -12.68 8.56
C SER A 119 -12.76 -13.86 7.67
N LYS A 120 -12.56 -15.09 8.15
CA LYS A 120 -12.83 -16.28 7.37
C LYS A 120 -14.25 -16.79 7.55
N LEU A 121 -15.08 -16.08 8.32
CA LEU A 121 -16.50 -16.43 8.51
C LEU A 121 -17.30 -15.28 7.91
N THR A 122 -17.65 -15.42 6.63
CA THR A 122 -18.23 -14.31 5.89
C THR A 122 -19.64 -13.96 6.40
N ALA A 123 -20.50 -14.98 6.56
CA ALA A 123 -21.86 -14.71 7.00
C ALA A 123 -21.90 -14.11 8.40
N PHE A 124 -21.10 -14.66 9.31
CA PHE A 124 -21.04 -14.12 10.67
C PHE A 124 -20.50 -12.71 10.67
N ASP A 125 -19.48 -12.44 9.84
CA ASP A 125 -18.92 -11.10 9.77
C ASP A 125 -19.95 -10.09 9.25
N VAL A 126 -20.70 -10.46 8.21
CA VAL A 126 -21.73 -9.56 7.68
C VAL A 126 -22.81 -9.31 8.71
N TYR A 127 -23.25 -10.38 9.39
CA TYR A 127 -24.25 -10.23 10.45
C TYR A 127 -23.77 -9.27 11.54
N LEU A 128 -22.54 -9.45 12.01
CA LEU A 128 -22.01 -8.59 13.06
C LEU A 128 -21.88 -7.15 12.60
N ARG A 129 -21.39 -6.94 11.37
CA ARG A 129 -21.23 -5.57 10.87
C ARG A 129 -22.57 -4.87 10.71
N TYR A 130 -23.59 -5.56 10.19
CA TYR A 130 -24.90 -4.95 10.08
C TYR A 130 -25.46 -4.59 11.45
N LYS A 131 -25.37 -5.52 12.41
CA LYS A 131 -25.91 -5.24 13.74
C LYS A 131 -25.17 -4.10 14.42
N GLU A 132 -23.85 -4.00 14.21
CA GLU A 132 -23.08 -2.90 14.79
C GLU A 132 -23.46 -1.56 14.16
N LEU A 133 -23.58 -1.54 12.83
CA LEU A 133 -23.84 -0.27 12.14
C LEU A 133 -25.26 0.25 12.34
N TYR A 134 -26.26 -0.62 12.23
CA TYR A 134 -27.65 -0.14 12.16
C TYR A 134 -28.44 -0.34 13.45
N GLU A 135 -27.88 -1.01 14.47
CA GLU A 135 -28.63 -1.27 15.69
C GLU A 135 -27.88 -0.99 16.98
N ASN A 136 -26.59 -0.67 16.92
CA ASN A 136 -25.78 -0.41 18.12
C ASN A 136 -25.82 -1.59 19.08
N GLN A 137 -25.35 -2.74 18.60
CA GLN A 137 -25.28 -3.95 19.41
C GLN A 137 -23.94 -4.62 19.17
N ARG A 138 -23.36 -5.16 20.23
CA ARG A 138 -22.02 -5.74 20.18
C ARG A 138 -21.99 -7.01 21.02
N ILE A 139 -21.03 -7.88 20.70
CA ILE A 139 -20.86 -9.13 21.41
C ILE A 139 -19.76 -8.98 22.44
N THR A 140 -19.73 -9.89 23.40
CA THR A 140 -18.75 -9.87 24.47
C THR A 140 -17.50 -10.63 24.03
N SER A 141 -16.53 -10.80 24.95
CA SER A 141 -15.30 -11.49 24.61
C SER A 141 -15.51 -13.00 24.57
N GLY A 142 -16.48 -13.52 25.32
CA GLY A 142 -16.73 -14.94 25.32
C GLY A 142 -17.17 -15.46 23.97
N VAL A 143 -18.05 -14.73 23.28
CA VAL A 143 -18.47 -15.12 21.93
C VAL A 143 -17.31 -14.95 20.95
N TYR A 144 -16.48 -13.93 21.14
CA TYR A 144 -15.32 -13.73 20.28
C TYR A 144 -14.37 -14.92 20.35
N MET A 145 -14.09 -15.40 21.56
CA MET A 145 -13.23 -16.57 21.72
C MET A 145 -13.83 -17.82 21.09
N CYS A 146 -15.13 -18.04 21.22
CA CYS A 146 -15.78 -19.16 20.56
C CYS A 146 -15.71 -19.06 19.05
N ALA A 147 -15.92 -17.87 18.48
CA ALA A 147 -15.80 -17.71 17.04
C ALA A 147 -14.39 -17.98 16.56
N VAL A 148 -13.38 -17.50 17.31
CA VAL A 148 -12.00 -17.75 16.92
C VAL A 148 -11.68 -19.25 17.00
N ALA A 149 -12.18 -19.92 18.05
CA ALA A 149 -11.95 -21.36 18.18
C ALA A 149 -12.60 -22.12 17.03
N ILE A 150 -13.80 -21.71 16.62
CA ILE A 150 -14.45 -22.32 15.46
C ILE A 150 -13.61 -22.10 14.22
N ALA A 151 -13.10 -20.88 14.03
CA ALA A 151 -12.32 -20.54 12.85
C ALA A 151 -10.93 -21.17 12.85
N MET A 152 -10.46 -21.68 13.98
CA MET A 152 -9.16 -22.33 14.05
C MET A 152 -9.22 -23.85 13.92
N GLY A 153 -10.40 -24.41 13.65
CA GLY A 153 -10.55 -25.83 13.35
C GLY A 153 -11.08 -26.66 14.49
N TYR A 154 -11.20 -26.09 15.69
CA TYR A 154 -11.73 -26.85 16.82
C TYR A 154 -13.19 -27.23 16.58
N THR A 155 -13.58 -28.38 17.12
CA THR A 155 -14.93 -28.90 16.96
C THR A 155 -15.71 -29.01 18.27
N ASP A 156 -15.05 -29.35 19.37
CA ASP A 156 -15.69 -29.44 20.68
C ASP A 156 -15.27 -28.23 21.51
N ILE A 157 -16.25 -27.46 21.97
CA ILE A 157 -16.01 -26.23 22.72
C ILE A 157 -16.76 -26.35 24.03
N TYR A 158 -16.02 -26.36 25.14
CA TYR A 158 -16.62 -26.42 26.47
C TYR A 158 -16.59 -25.02 27.09
N LEU A 159 -17.77 -24.49 27.38
CA LEU A 159 -17.92 -23.14 27.91
C LEU A 159 -17.97 -23.17 29.43
N THR A 160 -17.29 -22.21 30.05
CA THR A 160 -17.37 -22.05 31.49
C THR A 160 -17.11 -20.59 31.84
N GLY A 161 -17.56 -20.20 33.02
CA GLY A 161 -17.33 -18.86 33.52
C GLY A 161 -18.17 -17.79 32.84
N ILE A 162 -19.09 -18.20 31.98
CA ILE A 162 -19.97 -17.28 31.26
C ILE A 162 -21.33 -17.34 31.94
N ASP A 163 -21.63 -16.32 32.75
CA ASP A 163 -22.86 -16.27 33.51
C ASP A 163 -23.92 -15.37 32.88
N PHE A 164 -23.68 -14.89 31.66
CA PHE A 164 -24.63 -14.06 30.92
C PHE A 164 -24.99 -12.79 31.70
N TYR A 165 -23.95 -12.03 32.07
CA TYR A 165 -24.09 -10.78 32.81
C TYR A 165 -24.90 -10.97 34.09
N GLN A 166 -24.34 -11.77 34.99
CA GLN A 166 -24.97 -12.04 36.28
C GLN A 166 -25.04 -10.78 37.14
N SER A 196 -24.05 -0.31 27.05
CA SER A 196 -25.41 -0.79 26.84
C SER A 196 -25.51 -1.63 25.56
N TYR A 197 -24.40 -1.70 24.83
CA TYR A 197 -24.37 -2.50 23.61
C TYR A 197 -24.59 -3.97 23.91
N HIS A 198 -23.95 -4.48 24.96
CA HIS A 198 -24.02 -5.89 25.28
C HIS A 198 -25.36 -6.22 25.93
N SER A 199 -25.95 -7.33 25.52
CA SER A 199 -27.23 -7.79 26.06
C SER A 199 -27.28 -9.31 25.98
N LYS A 200 -28.42 -9.88 26.35
CA LYS A 200 -28.61 -11.32 26.32
C LYS A 200 -29.40 -11.79 25.11
N ASP A 201 -29.85 -10.87 24.26
CA ASP A 201 -30.52 -11.22 23.02
C ASP A 201 -29.58 -11.25 21.82
N ILE A 202 -28.33 -10.84 22.00
CA ILE A 202 -27.35 -10.87 20.92
C ILE A 202 -26.33 -11.98 21.20
N ASP A 203 -26.00 -12.19 22.48
CA ASP A 203 -25.07 -13.25 22.83
C ASP A 203 -25.69 -14.62 22.57
N LEU A 204 -26.97 -14.81 22.91
CA LEU A 204 -27.63 -16.07 22.64
C LEU A 204 -27.93 -16.24 21.15
N GLU A 205 -28.27 -15.16 20.46
CA GLU A 205 -28.54 -15.24 19.03
C GLU A 205 -27.29 -15.52 18.22
N ALA A 206 -26.15 -14.96 18.63
CA ALA A 206 -24.89 -15.23 17.93
C ALA A 206 -24.45 -16.68 18.11
N LEU A 207 -24.62 -17.23 19.32
CA LEU A 207 -24.24 -18.62 19.55
C LEU A 207 -25.09 -19.57 18.72
N SER A 208 -26.39 -19.31 18.62
CA SER A 208 -27.25 -20.13 17.77
C SER A 208 -26.89 -19.98 16.30
N PHE A 209 -26.43 -18.79 15.90
CA PHE A 209 -26.01 -18.57 14.52
C PHE A 209 -24.81 -19.46 14.17
N LEU A 210 -23.83 -19.54 15.07
CA LEU A 210 -22.67 -20.40 14.82
C LEU A 210 -23.03 -21.88 14.88
N GLN A 211 -23.97 -22.25 15.74
CA GLN A 211 -24.42 -23.64 15.81
C GLN A 211 -25.08 -24.09 14.51
N GLN A 212 -25.91 -23.23 13.93
CA GLN A 212 -26.66 -23.61 12.73
C GLN A 212 -25.81 -23.59 11.47
N HIS A 213 -24.86 -22.66 11.37
CA HIS A 213 -24.15 -22.41 10.13
C HIS A 213 -22.83 -23.17 9.98
N TYR A 214 -22.20 -23.57 11.08
CA TYR A 214 -20.87 -24.17 11.02
C TYR A 214 -20.79 -25.56 11.65
N HIS A 215 -21.88 -26.06 12.24
CA HIS A 215 -21.99 -27.45 12.69
C HIS A 215 -20.90 -27.80 13.70
N VAL A 216 -20.97 -27.11 14.84
CA VAL A 216 -20.07 -27.35 15.96
C VAL A 216 -20.89 -27.73 17.18
N ASN A 217 -20.21 -28.33 18.16
CA ASN A 217 -20.85 -28.80 19.38
C ASN A 217 -20.46 -27.91 20.55
N PHE A 218 -21.45 -27.46 21.31
CA PHE A 218 -21.23 -26.66 22.51
C PHE A 218 -21.65 -27.45 23.74
N TYR A 219 -20.82 -27.38 24.78
CA TYR A 219 -21.10 -28.07 26.03
C TYR A 219 -20.88 -27.12 27.19
N SER A 220 -21.59 -27.38 28.29
CA SER A 220 -21.47 -26.61 29.52
C SER A 220 -20.97 -27.53 30.63
N ILE A 221 -19.95 -27.09 31.36
CA ILE A 221 -19.33 -27.88 32.41
C ILE A 221 -19.64 -27.34 33.80
N SER A 222 -20.55 -26.38 33.90
CA SER A 222 -20.99 -25.85 35.19
C SER A 222 -22.48 -26.15 35.34
N PRO A 223 -22.86 -27.20 36.08
CA PRO A 223 -24.28 -27.58 36.16
C PRO A 223 -25.18 -26.50 36.71
N MET A 224 -24.71 -25.70 37.67
CA MET A 224 -25.57 -24.70 38.29
C MET A 224 -25.65 -23.40 37.49
N SER A 225 -24.84 -23.25 36.46
CA SER A 225 -24.87 -22.03 35.66
C SER A 225 -26.15 -21.97 34.85
N PRO A 226 -26.69 -20.76 34.63
CA PRO A 226 -27.86 -20.63 33.76
C PRO A 226 -27.61 -21.05 32.33
N LEU A 227 -26.35 -21.06 31.89
CA LEU A 227 -26.02 -21.49 30.53
C LEU A 227 -26.39 -22.93 30.27
N SER A 228 -26.42 -23.78 31.30
CA SER A 228 -26.75 -25.19 31.11
C SER A 228 -28.18 -25.40 30.66
N LYS A 229 -29.05 -24.41 30.84
CA LYS A 229 -30.43 -24.54 30.39
C LYS A 229 -30.56 -24.49 28.88
N HIS A 230 -29.52 -24.06 28.17
CA HIS A 230 -29.55 -23.96 26.72
C HIS A 230 -28.66 -24.97 26.02
N PHE A 231 -27.66 -25.52 26.70
CA PHE A 231 -26.75 -26.48 26.09
C PHE A 231 -26.63 -27.71 26.97
N PRO A 232 -26.48 -28.90 26.37
CA PRO A 232 -26.51 -30.13 27.15
C PRO A 232 -25.26 -30.35 27.97
N ILE A 233 -25.45 -30.91 29.16
CA ILE A 233 -24.32 -31.34 29.99
C ILE A 233 -23.68 -32.58 29.38
N PRO A 234 -22.36 -32.65 29.28
CA PRO A 234 -21.73 -33.84 28.70
C PRO A 234 -21.95 -35.06 29.59
N THR A 235 -21.76 -36.24 28.98
CA THR A 235 -21.94 -37.50 29.68
C THR A 235 -20.70 -37.85 30.47
N VAL A 236 -20.91 -38.45 31.64
CA VAL A 236 -19.81 -38.84 32.52
C VAL A 236 -19.01 -39.98 31.91
N PHE A 244 -10.41 -33.41 41.80
CA PHE A 244 -9.33 -32.45 41.54
C PHE A 244 -9.58 -31.13 42.26
N VAL A 245 -8.79 -30.87 43.29
CA VAL A 245 -8.90 -29.63 44.05
C VAL A 245 -7.91 -28.61 43.50
N ALA A 246 -8.40 -27.42 43.21
CA ALA A 246 -7.56 -26.37 42.65
C ALA A 246 -6.54 -25.89 43.67
N PRO A 247 -5.25 -25.91 43.38
CA PRO A 247 -4.26 -25.44 44.35
C PRO A 247 -4.39 -23.95 44.63
N LEU A 248 -4.05 -23.57 45.85
CA LEU A 248 -4.14 -22.17 46.27
C LEU A 248 -2.98 -21.36 45.70
N LYS A 249 -3.22 -20.07 45.50
CA LYS A 249 -2.21 -19.12 45.04
C LYS A 249 -1.80 -18.22 46.18
N GLU A 250 -0.49 -18.02 46.34
CA GLU A 250 0.05 -17.21 47.41
C GLU A 250 0.97 -16.14 46.83
N ASN A 251 1.01 -14.99 47.52
CA ASN A 251 1.81 -13.82 47.13
C ASN A 251 1.73 -13.55 45.62
N TYR A 252 0.53 -13.69 45.06
CA TYR A 252 0.30 -13.47 43.64
C TYR A 252 -0.12 -12.04 43.37
N ILE A 253 -0.11 -11.67 42.09
CA ILE A 253 -0.53 -10.35 41.67
C ILE A 253 -2.05 -10.36 41.48
N ASN A 254 -2.74 -9.50 42.23
CA ASN A 254 -4.19 -9.44 42.20
C ASN A 254 -4.69 -8.06 41.82
N ASP A 255 -3.90 -7.31 41.05
CA ASP A 255 -4.30 -5.98 40.61
C ASP A 255 -3.55 -5.65 39.32
N ILE A 256 -4.17 -4.84 38.47
CA ILE A 256 -3.57 -4.47 37.21
C ILE A 256 -2.49 -3.42 37.44
N LEU A 257 -1.30 -3.68 36.93
CA LEU A 257 -0.17 -2.78 37.13
C LEU A 257 -0.26 -1.59 36.18
N LEU A 258 0.32 -0.47 36.61
CA LEU A 258 0.27 0.78 35.87
C LEU A 258 1.67 1.19 35.41
N PRO A 259 1.83 1.57 34.14
CA PRO A 259 3.14 2.00 33.65
C PRO A 259 3.55 3.33 34.28
N PRO A 260 4.83 3.68 34.24
CA PRO A 260 5.27 4.96 34.80
C PRO A 260 4.66 6.14 34.06
N HIS A 261 4.83 7.32 34.65
CA HIS A 261 4.17 8.52 34.14
C HIS A 261 4.72 8.92 32.76
N PHE A 262 6.03 8.78 32.56
CA PHE A 262 6.63 9.22 31.30
C PHE A 262 6.19 8.39 30.11
N VAL A 263 5.60 7.22 30.31
CA VAL A 263 5.12 6.41 29.20
C VAL A 263 3.99 7.12 28.47
N TYR A 264 3.07 7.74 29.21
CA TYR A 264 1.95 8.44 28.59
C TYR A 264 2.41 9.72 27.88
N GLU A 265 3.47 10.36 28.38
CA GLU A 265 3.94 11.59 27.76
C GLU A 265 4.44 11.36 26.35
N LYS A 266 5.20 10.28 26.12
CA LYS A 266 5.74 10.02 24.80
C LYS A 266 4.67 9.58 23.81
N LEU A 267 3.56 9.03 24.29
CA LEU A 267 2.45 8.65 23.43
C LEU A 267 1.49 9.79 23.16
N GLY A 268 1.68 10.94 23.80
CA GLY A 268 0.81 12.09 23.59
C GLY A 268 1.56 13.33 23.14
N PRO B 10 -23.33 -16.16 -19.18
CA PRO B 10 -24.10 -16.91 -20.17
C PRO B 10 -24.14 -16.23 -21.54
N LYS B 11 -25.32 -16.18 -22.16
CA LYS B 11 -25.48 -15.59 -23.47
C LYS B 11 -26.48 -14.43 -23.50
N ALA B 12 -27.59 -14.56 -22.81
CA ALA B 12 -28.64 -13.55 -22.83
C ALA B 12 -28.82 -12.91 -21.46
N VAL B 13 -29.14 -11.62 -21.47
CA VAL B 13 -29.39 -10.87 -20.23
C VAL B 13 -30.37 -9.74 -20.53
N ILE B 14 -31.30 -9.51 -19.61
CA ILE B 14 -32.30 -8.46 -19.75
C ILE B 14 -31.94 -7.37 -18.73
N VAL B 15 -31.78 -6.14 -19.22
CA VAL B 15 -31.52 -4.99 -18.36
C VAL B 15 -32.76 -4.11 -18.39
N ALA B 16 -33.21 -3.69 -17.21
CA ALA B 16 -34.46 -2.95 -17.06
C ALA B 16 -34.23 -1.68 -16.27
N GLY B 17 -34.93 -0.62 -16.66
CA GLY B 17 -34.89 0.64 -15.95
C GLY B 17 -36.16 0.88 -15.17
N ASN B 18 -36.38 2.13 -14.74
CA ASN B 18 -37.56 2.52 -13.99
C ASN B 18 -38.49 3.41 -14.79
N GLY B 19 -38.41 3.33 -16.11
CA GLY B 19 -39.24 4.16 -16.97
C GLY B 19 -40.68 3.69 -17.01
N GLU B 20 -41.50 4.47 -17.70
CA GLU B 20 -42.93 4.18 -17.80
C GLU B 20 -43.24 3.10 -18.81
N SER B 21 -42.26 2.65 -19.60
CA SER B 21 -42.46 1.58 -20.57
C SER B 21 -42.18 0.21 -20.00
N LEU B 22 -41.84 0.10 -18.72
CA LEU B 22 -41.60 -1.20 -18.10
C LEU B 22 -42.87 -2.04 -18.05
N SER B 23 -44.05 -1.41 -18.05
CA SER B 23 -45.32 -2.11 -18.00
C SER B 23 -45.85 -2.48 -19.38
N GLN B 24 -45.12 -2.16 -20.45
CA GLN B 24 -45.58 -2.42 -21.81
C GLN B 24 -44.66 -3.38 -22.52
N ILE B 25 -44.22 -4.43 -21.83
CA ILE B 25 -43.29 -5.41 -22.38
C ILE B 25 -44.08 -6.48 -23.10
N ASP B 26 -43.64 -6.83 -24.32
CA ASP B 26 -44.21 -7.95 -25.06
C ASP B 26 -43.44 -9.21 -24.69
N TYR B 27 -44.13 -10.16 -24.06
CA TYR B 27 -43.49 -11.35 -23.52
C TYR B 27 -43.26 -12.44 -24.55
N ARG B 28 -43.71 -12.23 -25.80
CA ARG B 28 -43.43 -13.19 -26.86
C ARG B 28 -42.02 -13.07 -27.42
N LEU B 29 -41.32 -11.97 -27.14
CA LEU B 29 -39.98 -11.74 -27.67
C LEU B 29 -38.87 -12.16 -26.73
N LEU B 30 -39.20 -12.58 -25.50
CA LEU B 30 -38.18 -12.95 -24.54
C LEU B 30 -37.53 -14.27 -24.92
N PRO B 31 -36.24 -14.45 -24.64
CA PRO B 31 -35.57 -15.72 -24.91
C PRO B 31 -35.96 -16.76 -23.87
N LYS B 32 -35.31 -17.93 -23.96
CA LYS B 32 -35.60 -19.02 -23.04
C LYS B 32 -34.90 -18.81 -21.70
N ASN B 33 -33.58 -18.77 -21.71
CA ASN B 33 -32.78 -18.59 -20.50
C ASN B 33 -32.16 -17.19 -20.51
N TYR B 34 -32.30 -16.47 -19.41
CA TYR B 34 -31.81 -15.11 -19.33
C TYR B 34 -31.65 -14.70 -17.87
N ASP B 35 -30.93 -13.60 -17.67
CA ASP B 35 -30.74 -13.00 -16.35
C ASP B 35 -31.28 -11.58 -16.37
N VAL B 36 -31.65 -11.08 -15.19
CA VAL B 36 -32.29 -9.77 -15.05
C VAL B 36 -31.40 -8.88 -14.20
N PHE B 37 -31.21 -7.64 -14.65
CA PHE B 37 -30.47 -6.62 -13.91
C PHE B 37 -31.42 -5.50 -13.52
N ARG B 38 -31.38 -5.10 -12.25
CA ARG B 38 -32.21 -4.02 -11.74
C ARG B 38 -31.33 -2.98 -11.06
N CYS B 39 -31.89 -1.80 -10.84
CA CYS B 39 -31.12 -0.71 -10.24
C CYS B 39 -32.05 0.27 -9.53
N ASN B 40 -31.50 0.91 -8.50
CA ASN B 40 -32.13 2.03 -7.78
C ASN B 40 -33.46 1.57 -7.18
N GLN B 41 -34.56 2.29 -7.39
CA GLN B 41 -35.82 2.02 -6.71
C GLN B 41 -36.65 0.99 -7.48
N PHE B 42 -36.07 -0.19 -7.67
CA PHE B 42 -36.74 -1.25 -8.41
C PHE B 42 -37.89 -1.87 -7.64
N TYR B 43 -38.02 -1.60 -6.34
CA TYR B 43 -39.06 -2.20 -5.52
C TYR B 43 -40.34 -1.37 -5.45
N PHE B 44 -40.47 -0.36 -6.30
CA PHE B 44 -41.69 0.43 -6.38
C PHE B 44 -42.71 -0.15 -7.36
N GLU B 45 -42.41 -1.30 -7.96
CA GLU B 45 -43.34 -1.92 -8.90
C GLU B 45 -44.65 -2.28 -8.21
N GLU B 46 -45.76 -2.05 -8.90
CA GLU B 46 -47.06 -2.53 -8.45
C GLU B 46 -47.34 -3.96 -8.90
N ARG B 47 -46.52 -4.51 -9.79
CA ARG B 47 -46.67 -5.88 -10.27
C ARG B 47 -45.29 -6.48 -10.46
N TYR B 48 -45.23 -7.81 -10.46
CA TYR B 48 -44.00 -8.54 -10.72
C TYR B 48 -43.82 -8.68 -12.23
N PHE B 49 -43.26 -7.63 -12.84
CA PHE B 49 -43.08 -7.63 -14.29
C PHE B 49 -42.04 -8.65 -14.73
N LEU B 50 -40.94 -8.79 -13.98
CA LEU B 50 -39.84 -9.65 -14.36
C LEU B 50 -39.53 -10.71 -13.29
N GLY B 51 -40.52 -11.06 -12.49
CA GLY B 51 -40.34 -12.06 -11.46
C GLY B 51 -39.66 -11.51 -10.22
N ASN B 52 -39.23 -12.43 -9.36
CA ASN B 52 -38.59 -12.08 -8.09
C ASN B 52 -37.16 -12.61 -8.01
N LYS B 53 -36.56 -12.98 -9.13
CA LYS B 53 -35.19 -13.46 -9.18
C LYS B 53 -34.34 -12.43 -9.89
N ILE B 54 -33.31 -11.92 -9.21
CA ILE B 54 -32.47 -10.85 -9.72
C ILE B 54 -31.02 -11.30 -9.64
N LYS B 55 -30.30 -11.20 -10.76
CA LYS B 55 -28.90 -11.61 -10.79
C LYS B 55 -28.00 -10.62 -10.08
N ALA B 56 -28.23 -9.32 -10.28
CA ALA B 56 -27.40 -8.29 -9.67
C ALA B 56 -28.22 -7.01 -9.54
N VAL B 57 -27.84 -6.18 -8.56
CA VAL B 57 -28.49 -4.91 -8.31
C VAL B 57 -27.43 -3.83 -8.21
N PHE B 58 -27.80 -2.61 -8.58
CA PHE B 58 -26.86 -1.49 -8.65
C PHE B 58 -27.37 -0.35 -7.78
N PHE B 59 -26.50 0.18 -6.92
CA PHE B 59 -26.83 1.29 -6.04
C PHE B 59 -25.78 2.38 -6.20
N THR B 60 -26.23 3.62 -6.40
CA THR B 60 -25.31 4.73 -6.59
C THR B 60 -24.71 5.16 -5.25
N PRO B 61 -23.46 5.66 -5.25
CA PRO B 61 -22.84 6.09 -3.99
C PRO B 61 -23.54 7.26 -3.33
N GLY B 62 -24.34 8.04 -4.06
CA GLY B 62 -24.97 9.20 -3.48
C GLY B 62 -25.90 8.84 -2.34
N VAL B 63 -26.73 7.81 -2.52
CA VAL B 63 -27.61 7.29 -1.49
C VAL B 63 -27.37 5.79 -1.43
N PHE B 64 -26.68 5.34 -0.40
CA PHE B 64 -26.36 3.93 -0.26
C PHE B 64 -26.75 3.36 1.10
N LEU B 65 -26.64 4.14 2.17
CA LEU B 65 -27.02 3.64 3.48
C LEU B 65 -28.53 3.40 3.57
N GLU B 66 -29.34 4.28 2.97
CA GLU B 66 -30.78 4.09 2.95
C GLU B 66 -31.22 2.98 2.01
N GLN B 67 -30.36 2.55 1.09
CA GLN B 67 -30.67 1.48 0.17
C GLN B 67 -30.29 0.09 0.68
N TYR B 68 -29.13 -0.04 1.33
CA TYR B 68 -28.74 -1.33 1.89
C TYR B 68 -29.70 -1.77 2.98
N TYR B 69 -30.13 -0.85 3.84
CA TYR B 69 -31.09 -1.16 4.89
C TYR B 69 -32.42 -1.63 4.30
N THR B 70 -32.91 -0.93 3.27
CA THR B 70 -34.17 -1.32 2.63
C THR B 70 -34.04 -2.68 1.94
N LEU B 71 -32.90 -2.92 1.29
CA LEU B 71 -32.69 -4.22 0.65
C LEU B 71 -32.63 -5.35 1.67
N TYR B 72 -31.98 -5.10 2.81
CA TYR B 72 -31.97 -6.11 3.87
C TYR B 72 -33.37 -6.41 4.38
N HIS B 73 -34.18 -5.36 4.58
CA HIS B 73 -35.55 -5.59 5.03
C HIS B 73 -36.37 -6.33 3.99
N LEU B 74 -36.18 -6.01 2.71
CA LEU B 74 -36.90 -6.71 1.64
C LEU B 74 -36.51 -8.18 1.58
N LYS B 75 -35.22 -8.48 1.69
CA LYS B 75 -34.77 -9.86 1.64
C LYS B 75 -35.18 -10.64 2.88
N ARG B 76 -35.30 -9.98 4.02
CA ARG B 76 -35.73 -10.65 5.23
C ARG B 76 -37.19 -11.12 5.13
N ASN B 77 -38.04 -10.32 4.47
CA ASN B 77 -39.45 -10.64 4.35
C ASN B 77 -39.76 -11.59 3.20
N ASN B 78 -38.74 -12.05 2.47
CA ASN B 78 -38.89 -12.98 1.35
C ASN B 78 -39.77 -12.37 0.25
N GLU B 79 -39.32 -11.25 -0.29
CA GLU B 79 -39.96 -10.61 -1.42
C GLU B 79 -39.13 -10.68 -2.70
N TYR B 80 -37.80 -10.65 -2.59
CA TYR B 80 -36.91 -10.78 -3.73
C TYR B 80 -35.76 -11.68 -3.36
N PHE B 81 -35.12 -12.25 -4.38
CA PHE B 81 -33.97 -13.13 -4.22
C PHE B 81 -32.80 -12.53 -4.99
N VAL B 82 -32.04 -11.66 -4.34
CA VAL B 82 -30.91 -10.97 -4.95
C VAL B 82 -29.64 -11.77 -4.70
N ASP B 83 -28.77 -11.83 -5.71
CA ASP B 83 -27.52 -12.57 -5.61
C ASP B 83 -26.32 -11.69 -5.32
N ASN B 84 -26.17 -10.57 -6.03
CA ASN B 84 -25.02 -9.69 -5.88
C ASN B 84 -25.49 -8.26 -5.70
N VAL B 85 -24.64 -7.46 -5.05
CA VAL B 85 -24.84 -6.03 -4.89
C VAL B 85 -23.61 -5.33 -5.44
N ILE B 86 -23.81 -4.42 -6.39
CA ILE B 86 -22.72 -3.77 -7.10
C ILE B 86 -22.82 -2.26 -6.90
N LEU B 87 -21.71 -1.64 -6.53
CA LEU B 87 -21.65 -0.19 -6.34
C LEU B 87 -21.29 0.47 -7.66
N SER B 88 -22.13 1.41 -8.11
CA SER B 88 -21.93 2.08 -9.39
C SER B 88 -21.03 3.29 -9.20
N SER B 89 -19.73 3.02 -9.10
CA SER B 89 -18.72 4.05 -8.91
C SER B 89 -17.75 4.07 -10.08
N PHE B 90 -17.38 5.28 -10.51
CA PHE B 90 -16.41 5.47 -11.57
C PHE B 90 -14.98 5.60 -11.06
N ASN B 91 -14.79 5.73 -9.74
CA ASN B 91 -13.46 5.92 -9.13
C ASN B 91 -12.75 7.12 -9.74
N HIS B 92 -13.50 8.18 -10.00
CA HIS B 92 -12.88 9.40 -10.50
C HIS B 92 -12.69 10.38 -9.36
N PRO B 93 -11.53 11.05 -9.29
CA PRO B 93 -11.23 11.90 -8.12
C PRO B 93 -12.20 13.06 -7.95
N THR B 94 -12.90 13.49 -8.99
CA THR B 94 -13.73 14.68 -8.91
C THR B 94 -15.20 14.38 -8.60
N VAL B 95 -15.59 13.11 -8.48
CA VAL B 95 -16.99 12.82 -8.20
C VAL B 95 -17.17 11.96 -6.96
N ASP B 96 -16.65 10.72 -6.98
CA ASP B 96 -16.98 9.76 -5.93
C ASP B 96 -15.80 8.89 -5.53
N LEU B 97 -14.58 9.42 -5.59
CA LEU B 97 -13.42 8.60 -5.25
C LEU B 97 -13.35 8.31 -3.75
N GLU B 98 -13.54 9.34 -2.92
CA GLU B 98 -13.43 9.15 -1.47
C GLU B 98 -14.67 8.48 -0.89
N LYS B 99 -15.85 8.79 -1.43
CA LYS B 99 -17.08 8.20 -0.94
C LYS B 99 -17.11 6.69 -1.19
N SER B 100 -16.55 6.24 -2.33
CA SER B 100 -16.47 4.81 -2.59
C SER B 100 -15.61 4.10 -1.57
N GLN B 101 -14.46 4.71 -1.21
CA GLN B 101 -13.61 4.12 -0.18
C GLN B 101 -14.32 4.09 1.17
N LYS B 102 -15.04 5.16 1.50
CA LYS B 102 -15.79 5.19 2.76
C LYS B 102 -16.84 4.09 2.80
N ILE B 103 -17.55 3.88 1.69
CA ILE B 103 -18.57 2.83 1.64
C ILE B 103 -17.93 1.46 1.75
N GLN B 104 -16.82 1.24 1.03
CA GLN B 104 -16.17 -0.07 1.06
C GLN B 104 -15.53 -0.37 2.40
N ALA B 105 -15.18 0.65 3.19
CA ALA B 105 -14.62 0.41 4.51
C ALA B 105 -15.67 -0.07 5.51
N LEU B 106 -16.95 0.09 5.21
CA LEU B 106 -18.03 -0.32 6.11
C LEU B 106 -18.62 -1.69 5.78
N PHE B 107 -18.71 -2.05 4.51
CA PHE B 107 -19.31 -3.29 4.08
C PHE B 107 -18.28 -4.16 3.39
N ILE B 108 -18.48 -5.47 3.48
CA ILE B 108 -17.57 -6.44 2.87
C ILE B 108 -18.21 -7.24 1.76
N ASP B 109 -19.54 -7.22 1.63
CA ASP B 109 -20.23 -7.98 0.60
C ASP B 109 -20.63 -7.11 -0.59
N VAL B 110 -20.12 -5.89 -0.67
CA VAL B 110 -20.43 -4.97 -1.76
C VAL B 110 -19.30 -5.03 -2.78
N ILE B 111 -19.66 -5.22 -4.05
CA ILE B 111 -18.70 -5.34 -5.14
C ILE B 111 -18.55 -3.98 -5.81
N ASN B 112 -17.31 -3.53 -5.97
CA ASN B 112 -17.06 -2.27 -6.66
C ASN B 112 -17.06 -2.50 -8.16
N GLY B 113 -17.92 -1.77 -8.88
CA GLY B 113 -18.09 -1.99 -10.31
C GLY B 113 -16.88 -1.67 -11.15
N TYR B 114 -16.22 -0.53 -10.89
CA TYR B 114 -15.10 -0.10 -11.72
C TYR B 114 -13.91 -1.04 -11.60
N GLU B 115 -13.54 -1.42 -10.38
CA GLU B 115 -12.35 -2.24 -10.18
C GLU B 115 -12.53 -3.63 -10.77
N LYS B 116 -13.75 -4.15 -10.74
CA LYS B 116 -14.00 -5.52 -11.15
C LYS B 116 -14.39 -5.69 -12.61
N HIS B 117 -15.23 -4.79 -13.15
CA HIS B 117 -15.75 -5.02 -14.50
C HIS B 117 -15.47 -3.87 -15.45
N LEU B 118 -15.57 -2.64 -14.97
CA LEU B 118 -15.49 -1.48 -15.84
C LEU B 118 -14.06 -1.07 -16.20
N SER B 119 -13.06 -1.59 -15.50
CA SER B 119 -11.68 -1.26 -15.80
C SER B 119 -11.08 -2.11 -16.93
N LYS B 120 -11.82 -3.13 -17.39
CA LYS B 120 -11.32 -4.02 -18.43
C LYS B 120 -11.68 -3.53 -19.83
N LEU B 121 -12.30 -2.36 -19.96
CA LEU B 121 -12.65 -1.77 -21.24
C LEU B 121 -11.84 -0.47 -21.33
N THR B 122 -10.64 -0.55 -21.91
CA THR B 122 -9.71 0.56 -21.85
C THR B 122 -10.19 1.75 -22.69
N ALA B 123 -10.61 1.49 -23.93
CA ALA B 123 -11.04 2.59 -24.80
C ALA B 123 -12.28 3.28 -24.24
N PHE B 124 -13.24 2.50 -23.77
CA PHE B 124 -14.45 3.09 -23.18
C PHE B 124 -14.12 3.88 -21.93
N ASP B 125 -13.21 3.36 -21.10
CA ASP B 125 -12.82 4.07 -19.89
C ASP B 125 -12.15 5.39 -20.22
N VAL B 126 -11.24 5.41 -21.21
CA VAL B 126 -10.58 6.65 -21.60
C VAL B 126 -11.58 7.65 -22.14
N TYR B 127 -12.50 7.18 -23.00
CA TYR B 127 -13.55 8.05 -23.53
C TYR B 127 -14.37 8.67 -22.41
N LEU B 128 -14.82 7.86 -21.45
CA LEU B 128 -15.63 8.38 -20.36
C LEU B 128 -14.86 9.37 -19.50
N ARG B 129 -13.59 9.06 -19.19
CA ARG B 129 -12.80 9.96 -18.36
C ARG B 129 -12.55 11.30 -19.04
N TYR B 130 -12.25 11.28 -20.34
CA TYR B 130 -12.07 12.53 -21.06
C TYR B 130 -13.35 13.36 -21.07
N LYS B 131 -14.48 12.71 -21.37
CA LYS B 131 -15.74 13.46 -21.42
C LYS B 131 -16.13 14.00 -20.05
N GLU B 132 -15.83 13.26 -18.98
CA GLU B 132 -16.13 13.75 -17.63
C GLU B 132 -15.24 14.93 -17.27
N LEU B 133 -13.95 14.83 -17.57
CA LEU B 133 -13.00 15.88 -17.16
C LEU B 133 -13.15 17.17 -17.96
N TYR B 134 -13.27 17.08 -19.29
CA TYR B 134 -13.18 18.27 -20.12
C TYR B 134 -14.51 18.78 -20.65
N GLU B 135 -15.62 18.06 -20.42
CA GLU B 135 -16.90 18.49 -20.97
C GLU B 135 -18.07 18.45 -19.99
N ASN B 136 -17.88 17.92 -18.79
CA ASN B 136 -18.95 17.81 -17.79
C ASN B 136 -20.16 17.05 -18.34
N GLN B 137 -19.91 15.79 -18.72
CA GLN B 137 -20.96 14.92 -19.23
C GLN B 137 -20.81 13.55 -18.58
N ARG B 138 -21.94 12.93 -18.25
CA ARG B 138 -21.95 11.67 -17.53
C ARG B 138 -23.04 10.78 -18.10
N ILE B 139 -22.88 9.47 -17.89
CA ILE B 139 -23.83 8.48 -18.36
C ILE B 139 -24.75 8.09 -17.22
N THR B 140 -25.89 7.50 -17.56
CA THR B 140 -26.88 7.08 -16.59
C THR B 140 -26.55 5.67 -16.10
N SER B 141 -27.45 5.10 -15.27
CA SER B 141 -27.21 3.76 -14.75
C SER B 141 -27.49 2.70 -15.80
N GLY B 142 -28.40 2.98 -16.74
CA GLY B 142 -28.71 2.01 -17.77
C GLY B 142 -27.53 1.67 -18.65
N VAL B 143 -26.74 2.67 -19.04
CA VAL B 143 -25.53 2.42 -19.82
C VAL B 143 -24.48 1.71 -18.97
N TYR B 144 -24.41 2.04 -17.68
CA TYR B 144 -23.47 1.38 -16.78
C TYR B 144 -23.75 -0.12 -16.70
N MET B 145 -25.02 -0.49 -16.56
CA MET B 145 -25.39 -1.89 -16.52
C MET B 145 -25.08 -2.61 -17.82
N CYS B 146 -25.32 -1.99 -18.97
CA CYS B 146 -24.95 -2.57 -20.24
C CYS B 146 -23.45 -2.76 -20.38
N ALA B 147 -22.65 -1.78 -19.96
CA ALA B 147 -21.20 -1.93 -20.01
C ALA B 147 -20.73 -3.06 -19.12
N VAL B 148 -21.29 -3.18 -17.92
CA VAL B 148 -20.91 -4.27 -17.02
C VAL B 148 -21.31 -5.63 -17.61
N ALA B 149 -22.50 -5.70 -18.23
CA ALA B 149 -22.93 -6.95 -18.86
C ALA B 149 -22.00 -7.33 -20.01
N ILE B 150 -21.57 -6.34 -20.80
CA ILE B 150 -20.60 -6.61 -21.86
C ILE B 150 -19.30 -7.12 -21.27
N ALA B 151 -18.83 -6.50 -20.19
CA ALA B 151 -17.57 -6.87 -19.57
C ALA B 151 -17.64 -8.19 -18.82
N MET B 152 -18.83 -8.72 -18.55
CA MET B 152 -18.98 -10.00 -17.88
C MET B 152 -19.18 -11.17 -18.83
N GLY B 153 -19.10 -10.95 -20.14
CA GLY B 153 -19.13 -12.01 -21.13
C GLY B 153 -20.44 -12.18 -21.84
N TYR B 154 -21.50 -11.49 -21.42
CA TYR B 154 -22.79 -11.61 -22.08
C TYR B 154 -22.70 -11.06 -23.51
N THR B 155 -23.50 -11.65 -24.40
CA THR B 155 -23.52 -11.27 -25.80
C THR B 155 -24.85 -10.70 -26.27
N ASP B 156 -25.97 -11.20 -25.75
CA ASP B 156 -27.30 -10.70 -26.10
C ASP B 156 -27.83 -9.87 -24.93
N ILE B 157 -28.15 -8.61 -25.18
CA ILE B 157 -28.60 -7.68 -24.16
C ILE B 157 -29.95 -7.13 -24.61
N TYR B 158 -30.99 -7.42 -23.84
CA TYR B 158 -32.33 -6.91 -24.12
C TYR B 158 -32.62 -5.74 -23.19
N LEU B 159 -32.86 -4.57 -23.77
CA LEU B 159 -33.08 -3.34 -23.03
C LEU B 159 -34.57 -3.11 -22.83
N THR B 160 -34.93 -2.67 -21.63
CA THR B 160 -36.31 -2.28 -21.36
C THR B 160 -36.32 -1.24 -20.24
N GLY B 161 -37.41 -0.49 -20.18
CA GLY B 161 -37.59 0.50 -19.14
C GLY B 161 -36.73 1.74 -19.30
N ILE B 162 -36.03 1.84 -20.42
CA ILE B 162 -35.17 2.99 -20.71
C ILE B 162 -35.90 3.86 -21.72
N ASP B 163 -36.49 4.96 -21.24
CA ASP B 163 -37.27 5.85 -22.07
C ASP B 163 -36.52 7.10 -22.49
N PHE B 164 -35.21 7.16 -22.22
CA PHE B 164 -34.35 8.27 -22.63
C PHE B 164 -34.85 9.60 -22.05
N TYR B 165 -35.00 9.62 -20.71
CA TYR B 165 -35.44 10.80 -19.99
C TYR B 165 -36.79 11.32 -20.53
N GLN B 166 -37.81 10.49 -20.39
CA GLN B 166 -39.15 10.85 -20.84
C GLN B 166 -39.72 12.00 -20.02
N SER B 196 -27.56 18.16 -14.86
CA SER B 196 -27.53 18.57 -16.26
C SER B 196 -26.47 17.79 -17.03
N TYR B 197 -25.71 16.95 -16.32
CA TYR B 197 -24.69 16.13 -16.96
C TYR B 197 -25.32 15.14 -17.93
N HIS B 198 -26.42 14.51 -17.54
CA HIS B 198 -27.05 13.50 -18.36
C HIS B 198 -27.82 14.14 -19.51
N SER B 199 -27.69 13.56 -20.70
CA SER B 199 -28.37 14.05 -21.89
C SER B 199 -28.62 12.87 -22.82
N LYS B 200 -29.17 13.16 -24.00
CA LYS B 200 -29.46 12.14 -24.99
C LYS B 200 -28.41 12.06 -26.09
N ASP B 201 -27.41 12.94 -26.06
CA ASP B 201 -26.31 12.87 -27.01
C ASP B 201 -25.10 12.12 -26.48
N ILE B 202 -25.13 11.71 -25.21
CA ILE B 202 -24.04 10.94 -24.63
C ILE B 202 -24.50 9.50 -24.41
N ASP B 203 -25.77 9.33 -24.05
CA ASP B 203 -26.31 7.98 -23.87
C ASP B 203 -26.38 7.24 -25.19
N LEU B 204 -26.81 7.91 -26.27
CA LEU B 204 -26.85 7.27 -27.57
C LEU B 204 -25.46 7.10 -28.16
N GLU B 205 -24.56 8.06 -27.92
CA GLU B 205 -23.20 7.94 -28.43
C GLU B 205 -22.41 6.85 -27.72
N ALA B 206 -22.63 6.67 -26.41
CA ALA B 206 -21.94 5.60 -25.69
C ALA B 206 -22.42 4.23 -26.14
N LEU B 207 -23.73 4.07 -26.39
CA LEU B 207 -24.24 2.78 -26.85
C LEU B 207 -23.68 2.42 -28.22
N SER B 208 -23.58 3.39 -29.13
CA SER B 208 -22.97 3.14 -30.43
C SER B 208 -21.49 2.83 -30.30
N PHE B 209 -20.82 3.43 -29.31
CA PHE B 209 -19.41 3.14 -29.08
C PHE B 209 -19.20 1.68 -28.70
N LEU B 210 -20.06 1.15 -27.81
CA LEU B 210 -19.94 -0.25 -27.42
C LEU B 210 -20.34 -1.19 -28.56
N GLN B 211 -21.30 -0.79 -29.38
CA GLN B 211 -21.69 -1.60 -30.53
C GLN B 211 -20.56 -1.75 -31.54
N GLN B 212 -19.84 -0.67 -31.80
CA GLN B 212 -18.79 -0.69 -32.81
C GLN B 212 -17.52 -1.37 -32.33
N HIS B 213 -17.17 -1.22 -31.05
CA HIS B 213 -15.87 -1.63 -30.55
C HIS B 213 -15.84 -3.04 -29.96
N TYR B 214 -16.97 -3.58 -29.50
CA TYR B 214 -16.97 -4.86 -28.80
C TYR B 214 -17.87 -5.90 -29.44
N HIS B 215 -18.62 -5.56 -30.50
CA HIS B 215 -19.36 -6.51 -31.32
C HIS B 215 -20.38 -7.30 -30.47
N VAL B 216 -21.35 -6.55 -29.95
CA VAL B 216 -22.44 -7.11 -29.18
C VAL B 216 -23.76 -6.74 -29.84
N ASN B 217 -24.81 -7.48 -29.49
CA ASN B 217 -26.13 -7.28 -30.07
C ASN B 217 -27.06 -6.65 -29.04
N PHE B 218 -27.75 -5.58 -29.45
CA PHE B 218 -28.73 -4.91 -28.61
C PHE B 218 -30.13 -5.11 -29.19
N TYR B 219 -31.09 -5.39 -28.32
CA TYR B 219 -32.47 -5.59 -28.73
C TYR B 219 -33.38 -4.80 -27.81
N SER B 220 -34.54 -4.42 -28.35
CA SER B 220 -35.57 -3.70 -27.60
C SER B 220 -36.83 -4.56 -27.55
N ILE B 221 -37.39 -4.72 -26.36
CA ILE B 221 -38.56 -5.57 -26.14
C ILE B 221 -39.81 -4.74 -25.85
N SER B 222 -39.74 -3.43 -26.00
CA SER B 222 -40.91 -2.56 -25.83
C SER B 222 -41.20 -1.88 -27.16
N PRO B 223 -42.16 -2.37 -27.95
CA PRO B 223 -42.39 -1.81 -29.29
C PRO B 223 -42.73 -0.33 -29.30
N MET B 224 -43.47 0.15 -28.30
CA MET B 224 -43.90 1.55 -28.30
C MET B 224 -42.84 2.50 -27.75
N SER B 225 -41.76 1.99 -27.18
CA SER B 225 -40.72 2.84 -26.64
C SER B 225 -39.97 3.54 -27.76
N PRO B 226 -39.53 4.79 -27.53
CA PRO B 226 -38.70 5.46 -28.54
C PRO B 226 -37.37 4.78 -28.82
N LEU B 227 -36.90 3.93 -27.89
CA LEU B 227 -35.65 3.21 -28.10
C LEU B 227 -35.73 2.25 -29.27
N SER B 228 -36.92 1.76 -29.61
CA SER B 228 -37.06 0.81 -30.72
C SER B 228 -36.73 1.45 -32.07
N LYS B 229 -36.73 2.77 -32.16
CA LYS B 229 -36.38 3.44 -33.41
C LYS B 229 -34.90 3.33 -33.74
N HIS B 230 -34.07 2.94 -32.78
CA HIS B 230 -32.64 2.82 -32.99
C HIS B 230 -32.13 1.39 -32.97
N PHE B 231 -32.87 0.46 -32.38
CA PHE B 231 -32.45 -0.93 -32.31
C PHE B 231 -33.57 -1.84 -32.78
N PRO B 232 -33.23 -2.95 -33.44
CA PRO B 232 -34.26 -3.79 -34.06
C PRO B 232 -35.05 -4.60 -33.04
N ILE B 233 -36.34 -4.75 -33.32
CA ILE B 233 -37.19 -5.64 -32.53
C ILE B 233 -36.83 -7.09 -32.84
N PRO B 234 -36.69 -7.95 -31.85
CA PRO B 234 -36.36 -9.35 -32.12
C PRO B 234 -37.49 -10.05 -32.86
N THR B 235 -37.15 -11.17 -33.49
CA THR B 235 -38.11 -11.96 -34.25
C THR B 235 -38.91 -12.86 -33.32
N VAL B 236 -40.19 -13.04 -33.64
CA VAL B 236 -41.08 -13.87 -32.84
C VAL B 236 -40.69 -15.33 -32.97
N PHE B 244 -48.50 -13.88 -20.64
CA PHE B 244 -47.99 -13.82 -19.27
C PHE B 244 -48.42 -12.52 -18.59
N VAL B 245 -49.34 -12.65 -17.63
CA VAL B 245 -49.81 -11.49 -16.88
C VAL B 245 -49.00 -11.36 -15.59
N ALA B 246 -48.48 -10.18 -15.34
CA ALA B 246 -47.67 -9.94 -14.16
C ALA B 246 -48.52 -10.02 -12.90
N PRO B 247 -48.18 -10.86 -11.92
CA PRO B 247 -48.98 -10.94 -10.70
C PRO B 247 -48.92 -9.65 -9.90
N LEU B 248 -50.02 -9.37 -9.20
CA LEU B 248 -50.13 -8.16 -8.39
C LEU B 248 -49.34 -8.30 -7.09
N LYS B 249 -48.87 -7.17 -6.57
CA LYS B 249 -48.17 -7.10 -5.30
C LYS B 249 -49.07 -6.47 -4.25
N GLU B 250 -49.13 -7.07 -3.07
CA GLU B 250 -49.97 -6.60 -1.99
C GLU B 250 -49.12 -6.40 -0.73
N ASN B 251 -49.54 -5.42 0.08
CA ASN B 251 -48.87 -5.04 1.33
C ASN B 251 -47.34 -4.99 1.17
N TYR B 252 -46.88 -4.46 0.04
CA TYR B 252 -45.46 -4.37 -0.25
C TYR B 252 -44.90 -3.02 0.19
N ILE B 253 -43.58 -2.93 0.20
CA ILE B 253 -42.90 -1.70 0.56
C ILE B 253 -42.79 -0.83 -0.69
N ASN B 254 -43.36 0.37 -0.62
CA ASN B 254 -43.39 1.28 -1.75
C ASN B 254 -42.74 2.62 -1.41
N ASP B 255 -41.80 2.62 -0.48
CA ASP B 255 -41.09 3.83 -0.10
C ASP B 255 -39.73 3.45 0.47
N ILE B 256 -38.76 4.34 0.30
CA ILE B 256 -37.42 4.08 0.78
C ILE B 256 -37.36 4.30 2.30
N LEU B 257 -36.87 3.30 3.01
CA LEU B 257 -36.82 3.37 4.46
C LEU B 257 -35.63 4.21 4.92
N LEU B 258 -35.78 4.81 6.10
CA LEU B 258 -34.78 5.71 6.66
C LEU B 258 -34.19 5.13 7.94
N PRO B 259 -32.86 5.15 8.08
CA PRO B 259 -32.23 4.63 9.29
C PRO B 259 -32.54 5.52 10.49
N PRO B 260 -32.35 5.01 11.71
CA PRO B 260 -32.59 5.84 12.89
C PRO B 260 -31.65 7.03 12.97
N HIS B 261 -31.96 7.94 13.88
CA HIS B 261 -31.24 9.21 13.97
C HIS B 261 -29.79 8.99 14.41
N PHE B 262 -29.55 8.06 15.34
CA PHE B 262 -28.20 7.87 15.86
C PHE B 262 -27.24 7.30 14.83
N VAL B 263 -27.72 6.76 13.72
CA VAL B 263 -26.84 6.25 12.68
C VAL B 263 -26.02 7.38 12.06
N TYR B 264 -26.66 8.53 11.81
CA TYR B 264 -25.94 9.65 11.22
C TYR B 264 -24.96 10.29 12.20
N GLU B 265 -25.25 10.22 13.51
CA GLU B 265 -24.36 10.82 14.49
C GLU B 265 -23.01 10.13 14.52
N LYS B 266 -22.99 8.79 14.47
CA LYS B 266 -21.73 8.07 14.53
C LYS B 266 -20.91 8.23 13.25
N LEU B 267 -21.55 8.53 12.12
CA LEU B 267 -20.85 8.76 10.88
C LEU B 267 -20.38 10.20 10.73
N GLY B 268 -20.73 11.09 11.65
CA GLY B 268 -20.33 12.48 11.58
C GLY B 268 -19.59 12.94 12.83
N PRO C 10 14.10 -1.52 -31.18
CA PRO C 10 14.87 -1.79 -32.40
C PRO C 10 16.34 -1.42 -32.26
N LYS C 11 16.90 -0.77 -33.28
CA LYS C 11 18.31 -0.41 -33.29
C LYS C 11 18.53 1.10 -33.42
N ALA C 12 17.78 1.77 -34.26
CA ALA C 12 17.98 3.19 -34.53
C ALA C 12 16.77 4.00 -34.07
N VAL C 13 17.05 5.21 -33.58
CA VAL C 13 15.99 6.12 -33.14
C VAL C 13 16.48 7.56 -33.31
N ILE C 14 15.59 8.44 -33.77
CA ILE C 14 15.91 9.84 -33.98
C ILE C 14 15.17 10.63 -32.90
N VAL C 15 15.92 11.43 -32.13
CA VAL C 15 15.35 12.30 -31.13
C VAL C 15 15.51 13.74 -31.60
N ALA C 16 14.43 14.51 -31.53
CA ALA C 16 14.38 15.86 -32.07
C ALA C 16 13.90 16.84 -31.02
N GLY C 17 14.48 18.04 -31.03
CA GLY C 17 14.06 19.11 -30.16
C GLY C 17 13.29 20.18 -30.90
N ASN C 18 13.15 21.36 -30.28
CA ASN C 18 12.42 22.47 -30.87
C ASN C 18 13.37 23.62 -31.23
N GLY C 19 14.64 23.31 -31.43
CA GLY C 19 15.62 24.34 -31.76
C GLY C 19 15.49 24.83 -33.19
N GLU C 20 16.29 25.83 -33.51
CA GLU C 20 16.25 26.44 -34.83
C GLU C 20 17.00 25.63 -35.88
N SER C 21 17.71 24.58 -35.49
CA SER C 21 18.42 23.72 -36.43
C SER C 21 17.58 22.55 -36.90
N LEU C 22 16.32 22.45 -36.48
CA LEU C 22 15.45 21.38 -36.94
C LEU C 22 15.15 21.48 -38.42
N SER C 23 15.24 22.69 -39.00
CA SER C 23 14.98 22.90 -40.41
C SER C 23 16.22 22.73 -41.29
N GLN C 24 17.36 22.38 -40.69
CA GLN C 24 18.62 22.26 -41.43
C GLN C 24 19.14 20.84 -41.38
N ILE C 25 18.26 19.86 -41.52
CA ILE C 25 18.63 18.45 -41.43
C ILE C 25 19.06 17.98 -42.81
N ASP C 26 20.19 17.26 -42.86
CA ASP C 26 20.64 16.61 -44.08
C ASP C 26 20.04 15.21 -44.13
N TYR C 27 19.19 14.97 -45.13
CA TYR C 27 18.43 13.73 -45.22
C TYR C 27 19.21 12.59 -45.85
N ARG C 28 20.45 12.83 -46.29
CA ARG C 28 21.31 11.77 -46.80
C ARG C 28 21.93 10.92 -45.69
N LEU C 29 21.93 11.41 -44.45
CA LEU C 29 22.56 10.71 -43.34
C LEU C 29 21.60 9.85 -42.54
N LEU C 30 20.30 9.90 -42.84
CA LEU C 30 19.33 9.14 -42.07
C LEU C 30 19.44 7.65 -42.38
N PRO C 31 19.19 6.78 -41.41
CA PRO C 31 19.21 5.33 -41.66
C PRO C 31 17.95 4.90 -42.39
N LYS C 32 17.82 3.59 -42.57
CA LYS C 32 16.67 3.04 -43.28
C LYS C 32 15.44 2.98 -42.38
N ASN C 33 15.52 2.22 -41.29
CA ASN C 33 14.42 2.05 -40.35
C ASN C 33 14.76 2.78 -39.05
N TYR C 34 13.83 3.59 -38.56
CA TYR C 34 14.07 4.38 -37.37
C TYR C 34 12.75 4.82 -36.76
N ASP C 35 12.82 5.28 -35.52
CA ASP C 35 11.68 5.83 -34.80
C ASP C 35 11.99 7.27 -34.41
N VAL C 36 10.93 8.06 -34.22
CA VAL C 36 11.04 9.49 -33.95
C VAL C 36 10.45 9.78 -32.58
N PHE C 37 11.16 10.59 -31.79
CA PHE C 37 10.70 11.05 -30.48
C PHE C 37 10.52 12.56 -30.53
N ARG C 38 9.37 13.03 -30.05
CA ARG C 38 9.07 14.45 -30.00
C ARG C 38 8.68 14.84 -28.59
N CYS C 39 8.69 16.14 -28.31
CA CYS C 39 8.38 16.62 -26.97
C CYS C 39 7.86 18.05 -27.02
N ASN C 40 7.01 18.37 -26.05
CA ASN C 40 6.53 19.75 -25.78
C ASN C 40 5.78 20.27 -27.01
N GLN C 41 6.10 21.46 -27.50
CA GLN C 41 5.31 22.11 -28.55
C GLN C 41 5.80 21.68 -29.94
N PHE C 42 5.75 20.37 -30.19
CA PHE C 42 6.22 19.83 -31.46
C PHE C 42 5.28 20.16 -32.62
N TYR C 43 4.07 20.64 -32.35
CA TYR C 43 3.08 20.91 -33.38
C TYR C 43 3.14 22.34 -33.92
N PHE C 44 4.18 23.09 -33.57
CA PHE C 44 4.37 24.43 -34.11
C PHE C 44 5.15 24.44 -35.42
N GLU C 45 5.50 23.27 -35.95
CA GLU C 45 6.24 23.21 -37.20
C GLU C 45 5.43 23.80 -38.34
N GLU C 46 6.10 24.55 -39.21
CA GLU C 46 5.49 25.02 -40.45
C GLU C 46 5.61 24.00 -41.57
N ARG C 47 6.40 22.94 -41.39
CA ARG C 47 6.56 21.89 -42.38
C ARG C 47 6.68 20.55 -41.66
N TYR C 48 6.39 19.48 -42.38
CA TYR C 48 6.54 18.12 -41.86
C TYR C 48 7.99 17.68 -42.05
N PHE C 49 8.84 18.08 -41.10
CA PHE C 49 10.26 17.76 -41.20
C PHE C 49 10.52 16.27 -41.03
N LEU C 50 9.81 15.62 -40.11
CA LEU C 50 10.04 14.22 -39.79
C LEU C 50 8.78 13.37 -39.98
N GLY C 51 7.88 13.80 -40.84
CA GLY C 51 6.67 13.05 -41.10
C GLY C 51 5.61 13.26 -40.03
N ASN C 52 4.59 12.40 -40.08
CA ASN C 52 3.47 12.48 -39.15
C ASN C 52 3.34 11.22 -38.30
N LYS C 53 4.37 10.40 -38.23
CA LYS C 53 4.38 9.20 -37.42
C LYS C 53 5.34 9.39 -36.26
N ILE C 54 4.84 9.28 -35.03
CA ILE C 54 5.61 9.53 -33.83
C ILE C 54 5.50 8.33 -32.91
N LYS C 55 6.64 7.80 -32.47
CA LYS C 55 6.65 6.64 -31.60
C LYS C 55 6.22 6.98 -30.18
N ALA C 56 6.68 8.11 -29.65
CA ALA C 56 6.34 8.51 -28.29
C ALA C 56 6.46 10.03 -28.17
N VAL C 57 5.70 10.60 -27.24
CA VAL C 57 5.71 12.02 -26.98
C VAL C 57 5.89 12.25 -25.49
N PHE C 58 6.50 13.38 -25.14
CA PHE C 58 6.85 13.68 -23.76
C PHE C 58 6.24 15.02 -23.35
N PHE C 59 5.55 15.03 -22.22
CA PHE C 59 4.92 16.23 -21.68
C PHE C 59 5.36 16.44 -20.24
N THR C 60 5.80 17.66 -19.92
CA THR C 60 6.27 17.95 -18.57
C THR C 60 5.09 18.12 -17.63
N PRO C 61 5.27 17.77 -16.34
CA PRO C 61 4.15 17.91 -15.38
C PRO C 61 3.73 19.35 -15.15
N GLY C 62 4.58 20.34 -15.47
CA GLY C 62 4.23 21.72 -15.20
C GLY C 62 2.99 22.16 -15.96
N VAL C 63 2.91 21.82 -17.24
CA VAL C 63 1.75 22.09 -18.08
C VAL C 63 1.37 20.77 -18.75
N PHE C 64 0.31 20.15 -18.28
CA PHE C 64 -0.12 18.88 -18.82
C PHE C 64 -1.58 18.86 -19.24
N LEU C 65 -2.46 19.57 -18.51
CA LEU C 65 -3.86 19.60 -18.89
C LEU C 65 -4.07 20.33 -20.21
N GLU C 66 -3.33 21.41 -20.45
CA GLU C 66 -3.42 22.13 -21.72
C GLU C 66 -2.77 21.38 -22.86
N GLN C 67 -1.93 20.39 -22.58
CA GLN C 67 -1.27 19.60 -23.61
C GLN C 67 -2.06 18.36 -24.02
N TYR C 68 -2.67 17.65 -23.06
CA TYR C 68 -3.47 16.48 -23.40
C TYR C 68 -4.68 16.87 -24.24
N TYR C 69 -5.33 17.98 -23.90
CA TYR C 69 -6.46 18.47 -24.69
C TYR C 69 -6.05 18.81 -26.11
N THR C 70 -4.92 19.51 -26.27
CA THR C 70 -4.44 19.86 -27.61
C THR C 70 -4.06 18.61 -28.40
N LEU C 71 -3.43 17.64 -27.74
CA LEU C 71 -3.07 16.40 -28.43
C LEU C 71 -4.31 15.63 -28.87
N TYR C 72 -5.34 15.60 -28.02
CA TYR C 72 -6.59 14.96 -28.41
C TYR C 72 -7.22 15.63 -29.62
N HIS C 73 -7.23 16.98 -29.63
CA HIS C 73 -7.78 17.69 -30.77
C HIS C 73 -6.96 17.44 -32.03
N LEU C 74 -5.63 17.39 -31.91
CA LEU C 74 -4.78 17.12 -33.07
C LEU C 74 -5.02 15.72 -33.61
N LYS C 75 -5.14 14.72 -32.74
CA LYS C 75 -5.36 13.36 -33.19
C LYS C 75 -6.76 13.18 -33.76
N ARG C 76 -7.74 13.94 -33.29
CA ARG C 76 -9.09 13.84 -33.82
C ARG C 76 -9.15 14.34 -35.27
N ASN C 77 -8.38 15.38 -35.59
CA ASN C 77 -8.40 15.95 -36.93
C ASN C 77 -7.49 15.23 -37.91
N ASN C 78 -6.83 14.14 -37.48
CA ASN C 78 -5.95 13.34 -38.34
C ASN C 78 -4.79 14.19 -38.87
N GLU C 79 -4.00 14.72 -37.95
CA GLU C 79 -2.78 15.44 -38.28
C GLU C 79 -1.52 14.70 -37.87
N TYR C 80 -1.55 13.94 -36.78
CA TYR C 80 -0.43 13.14 -36.33
C TYR C 80 -0.93 11.79 -35.87
N PHE C 81 -0.03 10.81 -35.85
CA PHE C 81 -0.33 9.45 -35.42
C PHE C 81 0.61 9.11 -34.27
N VAL C 82 0.20 9.44 -33.05
CA VAL C 82 1.00 9.20 -31.86
C VAL C 82 0.64 7.85 -31.26
N ASP C 83 1.65 7.13 -30.77
CA ASP C 83 1.45 5.81 -30.19
C ASP C 83 1.42 5.83 -28.66
N ASN C 84 2.36 6.51 -28.02
CA ASN C 84 2.46 6.54 -26.57
C ASN C 84 2.58 7.97 -26.08
N VAL C 85 2.16 8.19 -24.83
CA VAL C 85 2.30 9.46 -24.14
C VAL C 85 3.03 9.18 -22.84
N ILE C 86 4.16 9.88 -22.64
CA ILE C 86 5.05 9.63 -21.50
C ILE C 86 5.17 10.91 -20.69
N LEU C 87 5.00 10.78 -19.38
CA LEU C 87 5.13 11.91 -18.46
C LEU C 87 6.58 12.02 -18.01
N SER C 88 7.18 13.20 -18.21
CA SER C 88 8.59 13.42 -17.87
C SER C 88 8.71 13.86 -16.42
N SER C 89 8.61 12.89 -15.53
CA SER C 89 8.69 13.11 -14.10
C SER C 89 9.88 12.38 -13.50
N PHE C 90 10.58 13.04 -12.58
CA PHE C 90 11.70 12.45 -11.87
C PHE C 90 11.30 11.77 -10.57
N ASN C 91 10.05 11.95 -10.12
CA ASN C 91 9.57 11.39 -8.85
C ASN C 91 10.45 11.82 -7.69
N HIS C 92 10.90 13.07 -7.72
CA HIS C 92 11.67 13.57 -6.60
C HIS C 92 10.79 14.41 -5.69
N PRO C 93 10.92 14.25 -4.37
CA PRO C 93 9.99 14.91 -3.44
C PRO C 93 10.02 16.43 -3.51
N THR C 94 11.09 17.03 -4.00
CA THR C 94 11.24 18.48 -3.96
C THR C 94 10.80 19.17 -5.25
N VAL C 95 10.39 18.43 -6.28
CA VAL C 95 9.99 19.07 -7.52
C VAL C 95 8.58 18.69 -7.95
N ASP C 96 8.36 17.40 -8.26
CA ASP C 96 7.12 17.00 -8.90
C ASP C 96 6.60 15.66 -8.40
N LEU C 97 6.82 15.34 -7.12
CA LEU C 97 6.37 14.05 -6.62
C LEU C 97 4.85 14.00 -6.48
N GLU C 98 4.25 15.04 -5.90
CA GLU C 98 2.80 15.04 -5.68
C GLU C 98 2.03 15.34 -6.96
N LYS C 99 2.57 16.21 -7.81
CA LYS C 99 1.91 16.56 -9.05
C LYS C 99 1.82 15.35 -9.99
N SER C 100 2.85 14.51 -10.00
CA SER C 100 2.81 13.29 -10.80
C SER C 100 1.69 12.37 -10.35
N GLN C 101 1.53 12.20 -9.03
CA GLN C 101 0.43 11.39 -8.52
C GLN C 101 -0.92 11.99 -8.87
N LYS C 102 -1.04 13.31 -8.77
CA LYS C 102 -2.30 13.96 -9.14
C LYS C 102 -2.63 13.73 -10.61
N ILE C 103 -1.62 13.83 -11.49
CA ILE C 103 -1.85 13.61 -12.91
C ILE C 103 -2.23 12.16 -13.18
N GLN C 104 -1.52 11.22 -12.55
CA GLN C 104 -1.80 9.80 -12.78
C GLN C 104 -3.15 9.39 -12.21
N ALA C 105 -3.67 10.09 -11.21
CA ALA C 105 -4.99 9.76 -10.68
C ALA C 105 -6.12 10.16 -11.63
N LEU C 106 -5.85 11.01 -12.61
CA LEU C 106 -6.86 11.47 -13.56
C LEU C 106 -6.87 10.70 -14.87
N PHE C 107 -5.71 10.28 -15.37
CA PHE C 107 -5.59 9.60 -16.64
C PHE C 107 -5.06 8.19 -16.44
N ILE C 108 -5.45 7.30 -17.34
CA ILE C 108 -5.02 5.91 -17.27
C ILE C 108 -4.14 5.50 -18.44
N ASP C 109 -4.07 6.29 -19.50
CA ASP C 109 -3.26 5.96 -20.67
C ASP C 109 -1.93 6.71 -20.69
N VAL C 110 -1.56 7.35 -19.58
CA VAL C 110 -0.31 8.09 -19.48
C VAL C 110 0.72 7.22 -18.79
N ILE C 111 1.90 7.10 -19.39
CA ILE C 111 2.98 6.27 -18.88
C ILE C 111 3.94 7.15 -18.09
N ASN C 112 4.25 6.74 -16.86
CA ASN C 112 5.21 7.48 -16.04
C ASN C 112 6.62 7.08 -16.43
N GLY C 113 7.44 8.06 -16.82
CA GLY C 113 8.77 7.78 -17.31
C GLY C 113 9.72 7.19 -16.30
N TYR C 114 9.75 7.72 -15.08
CA TYR C 114 10.70 7.26 -14.07
C TYR C 114 10.44 5.83 -13.65
N GLU C 115 9.18 5.49 -13.36
CA GLU C 115 8.86 4.16 -12.86
C GLU C 115 9.13 3.09 -13.91
N LYS C 116 8.93 3.42 -15.18
CA LYS C 116 9.01 2.43 -16.24
C LYS C 116 10.39 2.32 -16.89
N HIS C 117 11.07 3.44 -17.13
CA HIS C 117 12.30 3.38 -17.91
C HIS C 117 13.50 3.98 -17.18
N LEU C 118 13.29 5.07 -16.46
CA LEU C 118 14.40 5.82 -15.87
C LEU C 118 14.91 5.22 -14.56
N SER C 119 14.16 4.31 -13.94
CA SER C 119 14.59 3.70 -12.70
C SER C 119 15.52 2.51 -12.90
N LYS C 120 15.72 2.08 -14.15
CA LYS C 120 16.56 0.94 -14.44
C LYS C 120 18.02 1.32 -14.69
N LEU C 121 18.37 2.60 -14.53
CA LEU C 121 19.74 3.09 -14.67
C LEU C 121 20.15 3.61 -13.29
N THR C 122 20.74 2.74 -12.48
CA THR C 122 20.97 3.06 -11.08
C THR C 122 22.02 4.17 -10.92
N ALA C 123 23.16 4.03 -11.61
CA ALA C 123 24.22 5.02 -11.47
C ALA C 123 23.77 6.39 -11.96
N PHE C 124 23.10 6.43 -13.10
CA PHE C 124 22.60 7.70 -13.63
C PHE C 124 21.57 8.31 -12.70
N ASP C 125 20.69 7.47 -12.14
CA ASP C 125 19.68 7.97 -11.21
C ASP C 125 20.32 8.57 -9.96
N VAL C 126 21.33 7.89 -9.40
CA VAL C 126 22.01 8.41 -8.21
C VAL C 126 22.71 9.72 -8.53
N TYR C 127 23.40 9.77 -9.67
CA TYR C 127 24.06 11.01 -10.09
C TYR C 127 23.07 12.16 -10.21
N LEU C 128 21.94 11.93 -10.87
CA LEU C 128 20.94 12.98 -11.04
C LEU C 128 20.36 13.42 -9.70
N ARG C 129 20.05 12.47 -8.82
CA ARG C 129 19.47 12.82 -7.53
C ARG C 129 20.44 13.62 -6.68
N TYR C 130 21.72 13.24 -6.65
CA TYR C 130 22.69 14.01 -5.91
C TYR C 130 22.82 15.42 -6.45
N LYS C 131 22.93 15.55 -7.78
CA LYS C 131 23.08 16.88 -8.37
C LYS C 131 21.84 17.75 -8.13
N GLU C 132 20.65 17.14 -8.15
CA GLU C 132 19.43 17.90 -7.88
C GLU C 132 19.38 18.35 -6.42
N LEU C 133 19.71 17.46 -5.49
CA LEU C 133 19.58 17.77 -4.07
C LEU C 133 20.63 18.76 -3.57
N TYR C 134 21.90 18.56 -3.94
CA TYR C 134 22.98 19.32 -3.32
C TYR C 134 23.54 20.44 -4.18
N GLU C 135 23.11 20.58 -5.44
CA GLU C 135 23.68 21.61 -6.31
C GLU C 135 22.66 22.42 -7.10
N ASN C 136 21.38 22.07 -7.05
CA ASN C 136 20.34 22.77 -7.81
C ASN C 136 20.65 22.81 -9.30
N GLN C 137 20.76 21.62 -9.89
CA GLN C 137 21.01 21.49 -11.32
C GLN C 137 20.09 20.42 -11.88
N ARG C 138 19.59 20.66 -13.09
CA ARG C 138 18.61 19.78 -13.71
C ARG C 138 18.91 19.65 -15.19
N ILE C 139 18.43 18.55 -15.78
CA ILE C 139 18.63 18.28 -17.19
C ILE C 139 17.38 18.69 -17.96
N THR C 140 17.54 18.86 -19.27
CA THR C 140 16.46 19.27 -20.14
C THR C 140 15.69 18.04 -20.61
N SER C 141 14.72 18.24 -21.52
CA SER C 141 13.93 17.13 -22.01
C SER C 141 14.71 16.31 -23.03
N GLY C 142 15.65 16.94 -23.75
CA GLY C 142 16.42 16.21 -24.73
C GLY C 142 17.26 15.10 -24.13
N VAL C 143 17.90 15.37 -22.99
CA VAL C 143 18.66 14.32 -22.30
C VAL C 143 17.72 13.26 -21.73
N TYR C 144 16.54 13.66 -21.27
CA TYR C 144 15.57 12.71 -20.74
C TYR C 144 15.15 11.71 -21.83
N MET C 145 14.87 12.21 -23.03
CA MET C 145 14.51 11.33 -24.13
C MET C 145 15.63 10.38 -24.51
N CYS C 146 16.88 10.85 -24.54
CA CYS C 146 18.02 9.99 -24.79
C CYS C 146 18.18 8.92 -23.73
N ALA C 147 18.02 9.27 -22.45
CA ALA C 147 18.10 8.27 -21.39
C ALA C 147 17.01 7.23 -21.52
N VAL C 148 15.79 7.65 -21.84
CA VAL C 148 14.69 6.70 -22.01
C VAL C 148 14.95 5.78 -23.21
N ALA C 149 15.48 6.35 -24.31
CA ALA C 149 15.80 5.54 -25.48
C ALA C 149 16.89 4.51 -25.15
N ILE C 150 17.89 4.91 -24.37
CA ILE C 150 18.92 3.97 -23.93
C ILE C 150 18.29 2.87 -23.08
N ALA C 151 17.40 3.24 -22.17
CA ALA C 151 16.77 2.27 -21.27
C ALA C 151 15.75 1.39 -21.97
N MET C 152 15.31 1.73 -23.18
CA MET C 152 14.37 0.91 -23.93
C MET C 152 15.04 -0.03 -24.93
N GLY C 153 16.36 -0.10 -24.95
CA GLY C 153 17.09 -1.06 -25.76
C GLY C 153 17.69 -0.51 -27.02
N TYR C 154 17.38 0.73 -27.39
CA TYR C 154 17.94 1.32 -28.60
C TYR C 154 19.46 1.48 -28.45
N THR C 155 20.16 1.37 -29.58
CA THR C 155 21.61 1.48 -29.61
C THR C 155 22.13 2.66 -30.42
N ASP C 156 21.46 3.01 -31.52
CA ASP C 156 21.84 4.15 -32.35
C ASP C 156 20.86 5.28 -32.10
N ILE C 157 21.37 6.44 -31.67
CA ILE C 157 20.55 7.59 -31.31
C ILE C 157 21.04 8.76 -32.15
N TYR C 158 20.18 9.28 -33.02
CA TYR C 158 20.51 10.44 -33.85
C TYR C 158 19.84 11.67 -33.25
N LEU C 159 20.65 12.64 -32.85
CA LEU C 159 20.18 13.85 -32.19
C LEU C 159 19.97 14.96 -33.22
N THR C 160 18.87 15.70 -33.05
CA THR C 160 18.64 16.87 -33.88
C THR C 160 17.77 17.85 -33.10
N GLY C 161 17.83 19.11 -33.52
CA GLY C 161 17.02 20.15 -32.93
C GLY C 161 17.49 20.58 -31.55
N ILE C 162 18.63 20.08 -31.11
CA ILE C 162 19.20 20.42 -29.81
C ILE C 162 20.34 21.40 -30.07
N ASP C 163 20.08 22.69 -29.82
CA ASP C 163 21.06 23.74 -30.07
C ASP C 163 21.77 24.20 -28.81
N PHE C 164 21.58 23.50 -27.69
CA PHE C 164 22.26 23.81 -26.43
C PHE C 164 21.96 25.23 -25.96
N TYR C 165 20.67 25.54 -25.85
CA TYR C 165 20.18 26.84 -25.39
C TYR C 165 20.76 27.97 -26.25
N GLN C 166 20.40 27.95 -27.52
CA GLN C 166 20.85 28.97 -28.47
C GLN C 166 20.28 30.34 -28.12
N SER C 196 17.15 28.64 -13.98
CA SER C 196 18.61 28.74 -13.96
C SER C 196 19.24 27.37 -13.69
N TYR C 197 18.40 26.37 -13.45
CA TYR C 197 18.89 25.02 -13.22
C TYR C 197 19.60 24.47 -14.45
N HIS C 198 19.03 24.70 -15.63
CA HIS C 198 19.58 24.16 -16.86
C HIS C 198 20.80 24.96 -17.29
N SER C 199 21.84 24.25 -17.72
CA SER C 199 23.08 24.86 -18.19
C SER C 199 23.72 23.95 -19.22
N LYS C 200 24.90 24.33 -19.69
CA LYS C 200 25.63 23.56 -20.68
C LYS C 200 26.74 22.71 -20.07
N ASP C 201 26.95 22.80 -18.76
CA ASP C 201 27.91 21.95 -18.08
C ASP C 201 27.28 20.71 -17.46
N ILE C 202 25.96 20.59 -17.51
CA ILE C 202 25.27 19.42 -16.98
C ILE C 202 24.72 18.59 -18.15
N ASP C 203 24.27 19.28 -19.21
CA ASP C 203 23.78 18.57 -20.38
C ASP C 203 24.91 17.83 -21.09
N LEU C 204 26.08 18.46 -21.22
CA LEU C 204 27.21 17.79 -21.84
C LEU C 204 27.81 16.73 -20.92
N GLU C 205 27.83 16.98 -19.62
CA GLU C 205 28.36 16.00 -18.68
C GLU C 205 27.47 14.77 -18.57
N ALA C 206 26.15 14.95 -18.63
CA ALA C 206 25.24 13.81 -18.58
C ALA C 206 25.36 12.95 -19.83
N LEU C 207 25.51 13.57 -21.00
CA LEU C 207 25.66 12.80 -22.24
C LEU C 207 26.94 11.98 -22.22
N SER C 208 28.04 12.55 -21.73
CA SER C 208 29.28 11.79 -21.61
C SER C 208 29.15 10.68 -20.59
N PHE C 209 28.35 10.89 -19.54
CA PHE C 209 28.13 9.86 -18.54
C PHE C 209 27.45 8.64 -19.16
N LEU C 210 26.43 8.87 -20.00
CA LEU C 210 25.76 7.75 -20.66
C LEU C 210 26.63 7.08 -21.70
N GLN C 211 27.48 7.86 -22.38
CA GLN C 211 28.40 7.28 -23.35
C GLN C 211 29.40 6.33 -22.70
N GLN C 212 29.93 6.72 -21.54
CA GLN C 212 30.97 5.92 -20.88
C GLN C 212 30.41 4.70 -20.18
N HIS C 213 29.21 4.80 -19.61
CA HIS C 213 28.69 3.76 -18.73
C HIS C 213 27.81 2.72 -19.42
N TYR C 214 27.19 3.05 -20.56
CA TYR C 214 26.23 2.14 -21.18
C TYR C 214 26.59 1.77 -22.61
N HIS C 215 27.66 2.33 -23.18
CA HIS C 215 28.21 1.91 -24.47
C HIS C 215 27.17 2.03 -25.59
N VAL C 216 26.78 3.27 -25.84
CA VAL C 216 25.85 3.60 -26.91
C VAL C 216 26.52 4.58 -27.86
N ASN C 217 25.97 4.69 -29.07
CA ASN C 217 26.51 5.55 -30.10
C ASN C 217 25.61 6.76 -30.31
N PHE C 218 26.20 7.95 -30.31
CA PHE C 218 25.49 9.19 -30.56
C PHE C 218 25.95 9.79 -31.89
N TYR C 219 25.00 10.27 -32.68
CA TYR C 219 25.28 10.88 -33.96
C TYR C 219 24.52 12.19 -34.08
N SER C 220 25.07 13.11 -34.88
CA SER C 220 24.44 14.39 -35.16
C SER C 220 24.15 14.48 -36.65
N ILE C 221 22.93 14.87 -36.99
CA ILE C 221 22.48 14.94 -38.38
C ILE C 221 22.31 16.38 -38.85
N SER C 222 22.75 17.35 -38.06
CA SER C 222 22.73 18.76 -38.47
C SER C 222 24.15 19.27 -38.52
N PRO C 223 24.77 19.34 -39.71
CA PRO C 223 26.19 19.73 -39.79
C PRO C 223 26.50 21.09 -39.20
N MET C 224 25.60 22.07 -39.35
CA MET C 224 25.88 23.42 -38.88
C MET C 224 25.60 23.61 -37.40
N SER C 225 24.99 22.64 -36.74
CA SER C 225 24.69 22.77 -35.32
C SER C 225 25.97 22.71 -34.51
N PRO C 226 26.04 23.45 -33.39
CA PRO C 226 27.21 23.34 -32.51
C PRO C 226 27.39 21.96 -31.90
N LEU C 227 26.33 21.15 -31.85
CA LEU C 227 26.43 19.80 -31.31
C LEU C 227 27.36 18.92 -32.12
N SER C 228 27.53 19.20 -33.41
CA SER C 228 28.40 18.38 -34.25
C SER C 228 29.87 18.48 -33.85
N LYS C 229 30.24 19.51 -33.10
CA LYS C 229 31.63 19.64 -32.65
C LYS C 229 31.99 18.62 -31.58
N HIS C 230 31.01 17.95 -30.98
CA HIS C 230 31.25 16.97 -29.94
C HIS C 230 30.95 15.55 -30.36
N PHE C 231 30.14 15.34 -31.40
CA PHE C 231 29.78 14.01 -31.85
C PHE C 231 29.99 13.89 -33.35
N PRO C 232 30.41 12.72 -33.84
CA PRO C 232 30.79 12.59 -35.24
C PRO C 232 29.58 12.58 -36.17
N ILE C 233 29.76 13.20 -37.34
CA ILE C 233 28.75 13.12 -38.39
C ILE C 233 28.76 11.72 -39.00
N PRO C 234 27.61 11.10 -39.21
CA PRO C 234 27.59 9.76 -39.81
C PRO C 234 28.11 9.79 -41.24
N THR C 235 28.49 8.61 -41.73
CA THR C 235 29.02 8.45 -43.08
C THR C 235 27.88 8.36 -44.08
N VAL C 236 28.09 8.94 -45.25
CA VAL C 236 27.09 8.93 -46.31
C VAL C 236 26.91 7.54 -46.87
N PHE C 244 14.85 15.17 -50.21
CA PHE C 244 13.55 15.12 -49.53
C PHE C 244 13.14 16.50 -49.01
N VAL C 245 12.14 17.09 -49.65
CA VAL C 245 11.64 18.39 -49.24
C VAL C 245 10.44 18.20 -48.30
N ALA C 246 10.49 18.85 -47.16
CA ALA C 246 9.42 18.72 -46.17
C ALA C 246 8.13 19.36 -46.69
N PRO C 247 7.02 18.64 -46.74
CA PRO C 247 5.77 19.23 -47.22
C PRO C 247 5.28 20.33 -46.30
N LEU C 248 4.60 21.31 -46.89
CA LEU C 248 4.07 22.45 -46.14
C LEU C 248 2.81 22.05 -45.38
N LYS C 249 2.57 22.74 -44.27
CA LYS C 249 1.38 22.56 -43.45
C LYS C 249 0.45 23.75 -43.64
N GLU C 250 -0.84 23.48 -43.83
CA GLU C 250 -1.83 24.51 -44.05
C GLU C 250 -2.97 24.35 -43.04
N ASN C 251 -3.56 25.49 -42.68
CA ASN C 251 -4.67 25.57 -41.71
C ASN C 251 -4.43 24.67 -40.49
N TYR C 252 -3.19 24.64 -40.01
CA TYR C 252 -2.82 23.82 -38.87
C TYR C 252 -2.93 24.61 -37.57
N ILE C 253 -2.87 23.88 -36.46
CA ILE C 253 -2.91 24.49 -35.14
C ILE C 253 -1.50 24.93 -34.76
N ASN C 254 -1.34 26.23 -34.51
CA ASN C 254 -0.04 26.80 -34.19
C ASN C 254 -0.04 27.51 -32.85
N ASP C 255 -0.92 27.08 -31.94
CA ASP C 255 -0.98 27.67 -30.61
C ASP C 255 -1.56 26.63 -29.64
N ILE C 256 -1.16 26.72 -28.38
CA ILE C 256 -1.62 25.79 -27.38
C ILE C 256 -3.04 26.15 -26.96
N LEU C 257 -3.94 25.17 -27.02
CA LEU C 257 -5.34 25.40 -26.70
C LEU C 257 -5.54 25.42 -25.19
N LEU C 258 -6.57 26.16 -24.77
CA LEU C 258 -6.87 26.35 -23.35
C LEU C 258 -8.22 25.72 -23.00
N PRO C 259 -8.29 24.96 -21.91
CA PRO C 259 -9.55 24.35 -21.50
C PRO C 259 -10.54 25.41 -21.03
N PRO C 260 -11.83 25.08 -20.97
CA PRO C 260 -12.82 26.05 -20.49
C PRO C 260 -12.58 26.43 -19.04
N HIS C 261 -13.30 27.47 -18.60
CA HIS C 261 -13.07 28.04 -17.28
C HIS C 261 -13.48 27.06 -16.18
N PHE C 262 -14.58 26.33 -16.36
CA PHE C 262 -15.07 25.44 -15.32
C PHE C 262 -14.14 24.27 -15.04
N VAL C 263 -13.19 23.97 -15.93
CA VAL C 263 -12.25 22.88 -15.70
C VAL C 263 -11.37 23.20 -14.49
N TYR C 264 -10.90 24.44 -14.37
CA TYR C 264 -10.05 24.81 -13.25
C TYR C 264 -10.82 24.86 -11.94
N GLU C 265 -12.12 25.18 -11.99
CA GLU C 265 -12.90 25.26 -10.77
C GLU C 265 -13.03 23.91 -10.08
N LYS C 266 -13.27 22.84 -10.85
CA LYS C 266 -13.42 21.52 -10.25
C LYS C 266 -12.10 20.97 -9.72
N LEU C 267 -10.97 21.42 -10.25
CA LEU C 267 -9.67 21.00 -9.76
C LEU C 267 -9.19 21.82 -8.58
N GLY C 268 -9.91 22.87 -8.19
CA GLY C 268 -9.53 23.71 -7.08
C GLY C 268 -10.60 23.82 -6.01
N PRO D 10 30.73 -14.23 5.16
CA PRO D 10 31.89 -15.08 5.42
C PRO D 10 31.91 -15.66 6.83
N LYS D 11 33.07 -15.64 7.48
CA LYS D 11 33.22 -16.19 8.82
C LYS D 11 33.67 -15.17 9.85
N ALA D 12 34.62 -14.31 9.49
CA ALA D 12 35.19 -13.35 10.42
C ALA D 12 34.86 -11.92 10.00
N VAL D 13 34.66 -11.06 11.01
CA VAL D 13 34.39 -9.65 10.77
C VAL D 13 34.89 -8.83 11.96
N ILE D 14 35.49 -7.68 11.69
CA ILE D 14 36.01 -6.80 12.71
C ILE D 14 35.10 -5.58 12.77
N VAL D 15 34.56 -5.29 13.95
CA VAL D 15 33.74 -4.11 14.16
C VAL D 15 34.52 -3.15 15.05
N ALA D 16 34.57 -1.88 14.64
CA ALA D 16 35.39 -0.87 15.30
C ALA D 16 34.55 0.34 15.65
N GLY D 17 34.85 0.93 16.81
CA GLY D 17 34.20 2.16 17.24
C GLY D 17 35.13 3.35 17.12
N ASN D 18 34.78 4.46 17.79
CA ASN D 18 35.57 5.67 17.76
C ASN D 18 36.21 5.96 19.11
N GLY D 19 36.40 4.93 19.92
CA GLY D 19 36.99 5.09 21.24
C GLY D 19 38.48 5.35 21.17
N GLU D 20 39.04 5.61 22.35
CA GLU D 20 40.47 5.92 22.46
C GLU D 20 41.35 4.68 22.40
N SER D 21 40.77 3.48 22.43
CA SER D 21 41.53 2.24 22.33
C SER D 21 41.70 1.76 20.90
N LEU D 22 41.20 2.50 19.92
CA LEU D 22 41.38 2.11 18.53
C LEU D 22 42.84 2.16 18.10
N SER D 23 43.67 2.97 18.77
CA SER D 23 45.08 3.08 18.45
C SER D 23 45.94 2.07 19.20
N GLN D 24 45.34 1.20 20.01
CA GLN D 24 46.11 0.25 20.81
C GLN D 24 45.77 -1.18 20.42
N ILE D 25 45.65 -1.44 19.12
CA ILE D 25 45.28 -2.75 18.62
C ILE D 25 46.54 -3.59 18.46
N ASP D 26 46.48 -4.84 18.93
CA ASP D 26 47.55 -5.80 18.72
C ASP D 26 47.27 -6.54 17.42
N TYR D 27 48.15 -6.37 16.44
CA TYR D 27 47.93 -6.90 15.10
C TYR D 27 48.33 -8.36 14.95
N ARG D 28 48.87 -8.98 16.01
CA ARG D 28 49.18 -10.41 15.99
C ARG D 28 47.94 -11.28 16.19
N LEU D 29 46.84 -10.71 16.67
CA LEU D 29 45.64 -11.48 16.96
C LEU D 29 44.62 -11.46 15.83
N LEU D 30 44.86 -10.69 14.77
CA LEU D 30 43.90 -10.59 13.69
C LEU D 30 43.89 -11.87 12.86
N PRO D 31 42.74 -12.27 12.33
CA PRO D 31 42.68 -13.45 11.46
C PRO D 31 43.24 -13.14 10.08
N LYS D 32 43.12 -14.12 9.18
CA LYS D 32 43.63 -13.97 7.83
C LYS D 32 42.69 -13.14 6.96
N ASN D 33 41.46 -13.64 6.77
CA ASN D 33 40.46 -12.96 5.95
C ASN D 33 39.36 -12.41 6.86
N TYR D 34 39.02 -11.14 6.67
CA TYR D 34 38.03 -10.49 7.53
C TYR D 34 37.48 -9.26 6.82
N ASP D 35 36.37 -8.76 7.35
CA ASP D 35 35.74 -7.54 6.89
C ASP D 35 35.68 -6.53 8.02
N VAL D 36 35.62 -5.24 7.66
CA VAL D 36 35.68 -4.15 8.63
C VAL D 36 34.38 -3.36 8.56
N PHE D 37 33.81 -3.04 9.72
CA PHE D 37 32.62 -2.21 9.84
C PHE D 37 32.99 -0.92 10.56
N ARG D 38 32.57 0.20 10.00
CA ARG D 38 32.82 1.52 10.58
C ARG D 38 31.50 2.27 10.73
N CYS D 39 31.52 3.32 11.54
CA CYS D 39 30.30 4.08 11.79
C CYS D 39 30.64 5.51 12.20
N ASN D 40 29.72 6.41 11.87
CA ASN D 40 29.73 7.82 12.33
C ASN D 40 31.01 8.50 11.82
N GLN D 41 31.76 9.18 12.68
CA GLN D 41 32.89 10.00 12.25
C GLN D 41 34.17 9.17 12.17
N PHE D 42 34.13 8.13 11.33
CA PHE D 42 35.28 7.25 11.17
C PHE D 42 36.43 7.89 10.42
N TYR D 43 36.22 9.04 9.78
CA TYR D 43 37.23 9.69 8.97
C TYR D 43 38.07 10.70 9.75
N PHE D 44 37.95 10.71 11.08
CA PHE D 44 38.77 11.57 11.92
C PHE D 44 40.09 10.93 12.33
N GLU D 45 40.36 9.72 11.84
CA GLU D 45 41.61 9.04 12.18
C GLU D 45 42.81 9.83 11.69
N GLU D 46 43.85 9.89 12.52
CA GLU D 46 45.13 10.44 12.09
C GLU D 46 46.01 9.40 11.41
N ARG D 47 45.64 8.12 11.46
CA ARG D 47 46.38 7.05 10.81
C ARG D 47 45.39 6.04 10.26
N TYR D 48 45.86 5.26 9.28
CA TYR D 48 45.06 4.18 8.71
C TYR D 48 45.22 2.94 9.57
N PHE D 49 44.41 2.88 10.65
CA PHE D 49 44.50 1.76 11.58
C PHE D 49 44.03 0.46 10.95
N LEU D 50 42.96 0.50 10.16
CA LEU D 50 42.35 -0.69 9.59
C LEU D 50 42.28 -0.63 8.06
N GLY D 51 43.18 0.13 7.45
CA GLY D 51 43.22 0.23 6.01
C GLY D 51 42.17 1.18 5.46
N ASN D 52 41.99 1.12 4.14
CA ASN D 52 41.05 1.99 3.44
C ASN D 52 39.94 1.20 2.75
N LYS D 53 39.74 -0.06 3.12
CA LYS D 53 38.69 -0.89 2.56
C LYS D 53 37.64 -1.14 3.64
N ILE D 54 36.40 -0.75 3.37
CA ILE D 54 35.31 -0.84 4.33
C ILE D 54 34.15 -1.58 3.70
N LYS D 55 33.66 -2.62 4.39
CA LYS D 55 32.56 -3.41 3.86
C LYS D 55 31.23 -2.67 3.96
N ALA D 56 30.98 -1.98 5.07
CA ALA D 56 29.73 -1.27 5.26
C ALA D 56 29.94 -0.13 6.25
N VAL D 57 29.13 0.91 6.12
CA VAL D 57 29.19 2.07 7.01
C VAL D 57 27.79 2.35 7.53
N PHE D 58 27.72 2.92 8.73
CA PHE D 58 26.45 3.15 9.42
C PHE D 58 26.33 4.64 9.76
N PHE D 59 25.19 5.23 9.41
CA PHE D 59 24.90 6.63 9.69
C PHE D 59 23.56 6.73 10.40
N THR D 60 23.53 7.48 11.51
CA THR D 60 22.30 7.62 12.28
C THR D 60 21.36 8.60 11.60
N PRO D 61 20.04 8.41 11.75
CA PRO D 61 19.09 9.34 11.10
C PRO D 61 19.15 10.75 11.64
N GLY D 62 19.72 10.97 12.83
CA GLY D 62 19.74 12.30 13.40
C GLY D 62 20.52 13.28 12.54
N VAL D 63 21.69 12.87 12.07
CA VAL D 63 22.51 13.66 11.15
C VAL D 63 22.86 12.76 9.98
N PHE D 64 22.22 12.98 8.85
CA PHE D 64 22.44 12.15 7.68
C PHE D 64 22.79 12.95 6.43
N LEU D 65 22.18 14.14 6.26
CA LEU D 65 22.50 14.96 5.09
C LEU D 65 23.94 15.46 5.14
N GLU D 66 24.44 15.82 6.32
CA GLU D 66 25.83 16.27 6.43
C GLU D 66 26.81 15.12 6.33
N GLN D 67 26.36 13.87 6.48
CA GLN D 67 27.22 12.71 6.37
C GLN D 67 27.31 12.14 4.96
N TYR D 68 26.20 12.10 4.23
CA TYR D 68 26.23 11.61 2.85
C TYR D 68 27.09 12.52 1.97
N TYR D 69 26.97 13.83 2.15
CA TYR D 69 27.78 14.78 1.40
C TYR D 69 29.27 14.59 1.69
N THR D 70 29.62 14.44 2.96
CA THR D 70 31.03 14.23 3.32
C THR D 70 31.55 12.90 2.78
N LEU D 71 30.73 11.86 2.83
CA LEU D 71 31.14 10.57 2.28
C LEU D 71 31.35 10.64 0.78
N TYR D 72 30.46 11.36 0.07
CA TYR D 72 30.64 11.55 -1.36
C TYR D 72 31.94 12.28 -1.67
N HIS D 73 32.24 13.34 -0.91
CA HIS D 73 33.49 14.06 -1.12
C HIS D 73 34.70 13.19 -0.82
N LEU D 74 34.63 12.37 0.23
CA LEU D 74 35.74 11.48 0.56
C LEU D 74 35.96 10.44 -0.54
N LYS D 75 34.88 9.86 -1.06
CA LYS D 75 35.01 8.85 -2.10
C LYS D 75 35.47 9.46 -3.41
N ARG D 76 35.13 10.72 -3.67
CA ARG D 76 35.56 11.38 -4.90
C ARG D 76 37.08 11.59 -4.91
N ASN D 77 37.65 11.89 -3.75
CA ASN D 77 39.09 12.16 -3.64
C ASN D 77 39.92 10.90 -3.51
N ASN D 78 39.30 9.72 -3.54
CA ASN D 78 40.00 8.44 -3.44
C ASN D 78 40.76 8.33 -2.12
N GLU D 79 40.01 8.41 -1.02
CA GLU D 79 40.55 8.19 0.31
C GLU D 79 40.05 6.91 0.96
N TYR D 80 38.82 6.49 0.68
CA TYR D 80 38.26 5.25 1.19
C TYR D 80 37.49 4.57 0.08
N PHE D 81 37.31 3.25 0.23
CA PHE D 81 36.57 2.43 -0.72
C PHE D 81 35.42 1.76 0.02
N VAL D 82 34.29 2.45 0.09
CA VAL D 82 33.11 1.96 0.80
C VAL D 82 32.22 1.20 -0.18
N ASP D 83 31.62 0.10 0.30
CA ASP D 83 30.77 -0.73 -0.52
C ASP D 83 29.28 -0.48 -0.29
N ASN D 84 28.85 -0.41 0.97
CA ASN D 84 27.44 -0.23 1.31
C ASN D 84 27.28 0.90 2.31
N VAL D 85 26.09 1.50 2.30
CA VAL D 85 25.70 2.51 3.27
C VAL D 85 24.41 2.05 3.92
N ILE D 86 24.41 1.95 5.25
CA ILE D 86 23.30 1.39 6.01
C ILE D 86 22.78 2.44 6.98
N LEU D 87 21.47 2.63 6.99
CA LEU D 87 20.83 3.58 7.90
C LEU D 87 20.48 2.86 9.20
N SER D 88 20.96 3.40 10.32
CA SER D 88 20.75 2.77 11.64
C SER D 88 19.42 3.26 12.23
N SER D 89 18.34 2.68 11.73
CA SER D 89 17.00 3.02 12.17
C SER D 89 16.32 1.81 12.80
N PHE D 90 15.59 2.06 13.89
CA PHE D 90 14.83 1.02 14.56
C PHE D 90 13.38 0.92 14.07
N ASN D 91 12.94 1.88 13.24
CA ASN D 91 11.56 1.92 12.75
C ASN D 91 10.55 1.89 13.90
N HIS D 92 10.87 2.60 14.97
CA HIS D 92 9.93 2.69 16.08
C HIS D 92 9.18 4.01 16.00
N PRO D 93 7.86 4.00 16.23
CA PRO D 93 7.07 5.22 16.03
C PRO D 93 7.47 6.39 16.91
N THR D 94 8.12 6.14 18.04
CA THR D 94 8.41 7.20 19.00
C THR D 94 9.79 7.82 18.84
N VAL D 95 10.62 7.33 17.91
CA VAL D 95 11.95 7.89 17.75
C VAL D 95 12.22 8.38 16.33
N ASP D 96 12.23 7.45 15.36
CA ASP D 96 12.71 7.79 14.03
C ASP D 96 11.91 7.12 12.92
N LEU D 97 10.60 6.92 13.13
CA LEU D 97 9.80 6.25 12.10
C LEU D 97 9.59 7.15 10.88
N GLU D 98 9.22 8.41 11.11
CA GLU D 98 8.94 9.31 9.98
C GLU D 98 10.22 9.82 9.33
N LYS D 99 11.26 10.06 10.12
CA LYS D 99 12.51 10.55 9.58
C LYS D 99 13.17 9.51 8.67
N SER D 100 13.02 8.22 9.00
CA SER D 100 13.56 7.17 8.13
C SER D 100 12.86 7.19 6.77
N GLN D 101 11.53 7.35 6.77
CA GLN D 101 10.80 7.44 5.51
C GLN D 101 11.21 8.67 4.71
N LYS D 102 11.40 9.80 5.40
CA LYS D 102 11.84 11.02 4.71
C LYS D 102 13.21 10.82 4.07
N ILE D 103 14.13 10.16 4.79
CA ILE D 103 15.46 9.92 4.24
C ILE D 103 15.39 8.97 3.05
N GLN D 104 14.60 7.89 3.18
CA GLN D 104 14.50 6.92 2.10
C GLN D 104 13.80 7.48 0.87
N ALA D 105 12.95 8.50 1.03
CA ALA D 105 12.30 9.11 -0.13
C ALA D 105 13.26 9.95 -0.95
N LEU D 106 14.42 10.32 -0.42
CA LEU D 106 15.40 11.15 -1.11
C LEU D 106 16.51 10.35 -1.79
N PHE D 107 16.94 9.26 -1.18
CA PHE D 107 18.05 8.46 -1.69
C PHE D 107 17.56 7.07 -2.05
N ILE D 108 18.23 6.46 -3.02
CA ILE D 108 17.88 5.12 -3.48
C ILE D 108 18.97 4.10 -3.20
N ASP D 109 20.19 4.53 -2.88
CA ASP D 109 21.30 3.61 -2.61
C ASP D 109 21.54 3.40 -1.11
N VAL D 110 20.62 3.84 -0.27
CA VAL D 110 20.74 3.69 1.17
C VAL D 110 19.92 2.49 1.61
N ILE D 111 20.54 1.60 2.38
CA ILE D 111 19.90 0.37 2.85
C ILE D 111 19.37 0.61 4.26
N ASN D 112 18.10 0.28 4.47
CA ASN D 112 17.51 0.40 5.80
C ASN D 112 17.87 -0.82 6.63
N GLY D 113 18.50 -0.59 7.79
CA GLY D 113 18.98 -1.69 8.61
C GLY D 113 17.91 -2.58 9.19
N TYR D 114 16.83 -1.99 9.73
CA TYR D 114 15.80 -2.77 10.39
C TYR D 114 15.05 -3.69 9.43
N GLU D 115 14.65 -3.16 8.27
CA GLU D 115 13.85 -3.94 7.33
C GLU D 115 14.65 -5.10 6.75
N LYS D 116 15.96 -4.90 6.57
CA LYS D 116 16.78 -5.88 5.89
C LYS D 116 17.46 -6.89 6.81
N HIS D 117 17.96 -6.46 7.97
CA HIS D 117 18.77 -7.36 8.78
C HIS D 117 18.24 -7.50 10.21
N LEU D 118 17.77 -6.41 10.79
CA LEU D 118 17.40 -6.40 12.21
C LEU D 118 16.02 -6.98 12.49
N SER D 119 15.19 -7.15 11.47
CA SER D 119 13.86 -7.72 11.67
C SER D 119 13.85 -9.24 11.69
N LYS D 120 14.97 -9.88 11.39
CA LYS D 120 15.06 -11.33 11.35
C LYS D 120 15.44 -11.93 12.70
N LEU D 121 15.59 -11.12 13.74
CA LEU D 121 15.89 -11.58 15.10
C LEU D 121 14.68 -11.20 15.95
N THR D 122 13.73 -12.13 16.06
CA THR D 122 12.44 -11.81 16.68
C THR D 122 12.58 -11.55 18.17
N ALA D 123 13.28 -12.44 18.88
CA ALA D 123 13.40 -12.27 20.33
C ALA D 123 14.16 -11.00 20.68
N PHE D 124 15.25 -10.73 19.97
CA PHE D 124 16.01 -9.51 20.22
C PHE D 124 15.20 -8.28 19.90
N ASP D 125 14.42 -8.33 18.81
CA ASP D 125 13.58 -7.19 18.45
C ASP D 125 12.51 -6.93 19.52
N VAL D 126 11.87 -7.98 20.02
CA VAL D 126 10.86 -7.81 21.06
C VAL D 126 11.48 -7.25 22.33
N TYR D 127 12.65 -7.78 22.72
CA TYR D 127 13.36 -7.27 23.88
C TYR D 127 13.67 -5.79 23.74
N LEU D 128 14.21 -5.38 22.60
CA LEU D 128 14.56 -3.98 22.39
C LEU D 128 13.33 -3.09 22.39
N ARG D 129 12.25 -3.53 21.74
CA ARG D 129 11.04 -2.71 21.70
C ARG D 129 10.42 -2.54 23.08
N TYR D 130 10.38 -3.61 23.88
CA TYR D 130 9.86 -3.48 25.23
C TYR D 130 10.71 -2.52 26.06
N LYS D 131 12.04 -2.68 26.00
CA LYS D 131 12.91 -1.81 26.79
C LYS D 131 12.80 -0.35 26.35
N GLU D 132 12.63 -0.12 25.04
CA GLU D 132 12.47 1.25 24.56
C GLU D 132 11.16 1.85 25.02
N LEU D 133 10.07 1.09 24.91
CA LEU D 133 8.74 1.62 25.23
C LEU D 133 8.53 1.84 26.72
N TYR D 134 8.90 0.87 27.56
CA TYR D 134 8.51 0.91 28.97
C TYR D 134 9.61 1.33 29.92
N GLU D 135 10.86 1.51 29.45
CA GLU D 135 11.95 1.85 30.35
C GLU D 135 12.85 2.98 29.88
N ASN D 136 12.67 3.48 28.65
CA ASN D 136 13.51 4.55 28.10
C ASN D 136 14.99 4.17 28.13
N GLN D 137 15.32 3.09 27.43
CA GLN D 137 16.69 2.62 27.31
C GLN D 137 16.96 2.25 25.86
N ARG D 138 18.16 2.56 25.40
CA ARG D 138 18.54 2.37 24.00
C ARG D 138 19.96 1.87 23.92
N ILE D 139 20.28 1.20 22.81
CA ILE D 139 21.61 0.67 22.57
C ILE D 139 22.39 1.62 21.69
N THR D 140 23.70 1.47 21.70
CA THR D 140 24.59 2.31 20.92
C THR D 140 24.75 1.74 19.52
N SER D 141 25.63 2.34 18.71
CA SER D 141 25.84 1.87 17.34
C SER D 141 26.69 0.61 17.32
N GLY D 142 27.56 0.44 18.32
CA GLY D 142 28.41 -0.74 18.36
C GLY D 142 27.62 -2.03 18.48
N VAL D 143 26.59 -2.04 19.34
CA VAL D 143 25.73 -3.22 19.45
C VAL D 143 24.90 -3.40 18.20
N TYR D 144 24.48 -2.31 17.55
CA TYR D 144 23.71 -2.40 16.31
C TYR D 144 24.53 -3.09 15.22
N MET D 145 25.80 -2.71 15.08
CA MET D 145 26.67 -3.34 14.10
C MET D 145 26.89 -4.82 14.39
N CYS D 146 27.07 -5.20 15.65
CA CYS D 146 27.18 -6.60 16.01
C CYS D 146 25.92 -7.39 15.70
N ALA D 147 24.74 -6.82 15.99
CA ALA D 147 23.50 -7.51 15.67
C ALA D 147 23.35 -7.68 14.16
N VAL D 148 23.69 -6.66 13.38
CA VAL D 148 23.60 -6.78 11.93
C VAL D 148 24.59 -7.84 11.40
N ALA D 149 25.80 -7.87 11.97
CA ALA D 149 26.77 -8.88 11.56
C ALA D 149 26.29 -10.28 11.89
N ILE D 150 25.66 -10.45 13.05
CA ILE D 150 25.07 -11.75 13.40
C ILE D 150 23.98 -12.11 12.40
N ALA D 151 23.13 -11.15 12.05
CA ALA D 151 22.02 -11.40 11.15
C ALA D 151 22.46 -11.59 9.70
N MET D 152 23.69 -11.23 9.35
CA MET D 152 24.20 -11.42 8.00
C MET D 152 25.00 -12.70 7.82
N GLY D 153 25.07 -13.56 8.84
CA GLY D 153 25.68 -14.87 8.72
C GLY D 153 27.06 -14.99 9.31
N TYR D 154 27.67 -13.88 9.72
CA TYR D 154 29.01 -13.93 10.31
C TYR D 154 28.97 -14.69 11.63
N THR D 155 30.08 -15.36 11.94
CA THR D 155 30.20 -16.16 13.16
C THR D 155 31.27 -15.66 14.11
N ASP D 156 32.38 -15.14 13.61
CA ASP D 156 33.46 -14.59 14.43
C ASP D 156 33.41 -13.08 14.34
N ILE D 157 33.27 -12.41 15.49
CA ILE D 157 33.14 -10.96 15.56
C ILE D 157 34.23 -10.46 16.49
N TYR D 158 35.15 -9.67 15.96
CA TYR D 158 36.22 -9.07 16.75
C TYR D 158 35.88 -7.62 17.03
N LEU D 159 35.73 -7.28 18.31
CA LEU D 159 35.34 -5.95 18.74
C LEU D 159 36.57 -5.10 19.04
N THR D 160 36.52 -3.84 18.62
CA THR D 160 37.57 -2.90 18.97
C THR D 160 36.98 -1.49 18.98
N GLY D 161 37.68 -0.60 19.69
CA GLY D 161 37.28 0.79 19.73
C GLY D 161 36.05 1.06 20.59
N ILE D 162 35.57 0.04 21.29
CA ILE D 162 34.40 0.15 22.16
C ILE D 162 34.92 0.20 23.59
N ASP D 163 34.94 1.41 24.17
CA ASP D 163 35.46 1.61 25.51
C ASP D 163 34.37 1.73 26.56
N PHE D 164 33.11 1.46 26.19
CA PHE D 164 31.98 1.48 27.12
C PHE D 164 31.82 2.85 27.78
N TYR D 165 31.72 3.88 26.95
CA TYR D 165 31.53 5.26 27.39
C TYR D 165 32.65 5.68 28.37
N GLN D 166 33.87 5.69 27.85
CA GLN D 166 35.03 6.08 28.65
C GLN D 166 34.96 7.56 29.04
N SER D 196 20.65 10.17 27.93
CA SER D 196 20.72 9.38 29.15
C SER D 196 20.20 7.96 28.91
N TYR D 197 19.71 7.71 27.69
CA TYR D 197 19.21 6.39 27.34
C TYR D 197 20.33 5.35 27.38
N HIS D 198 21.50 5.70 26.86
CA HIS D 198 22.60 4.76 26.78
C HIS D 198 23.26 4.60 28.15
N SER D 199 23.57 3.35 28.50
CA SER D 199 24.22 3.03 29.77
C SER D 199 25.06 1.77 29.57
N LYS D 200 25.64 1.29 30.66
CA LYS D 200 26.48 0.10 30.64
C LYS D 200 25.75 -1.14 31.13
N ASP D 201 24.50 -1.00 31.56
CA ASP D 201 23.69 -2.15 31.96
C ASP D 201 22.80 -2.65 30.84
N ILE D 202 22.76 -1.96 29.71
CA ILE D 202 21.96 -2.40 28.57
C ILE D 202 22.89 -2.89 27.46
N ASP D 203 24.05 -2.24 27.32
CA ASP D 203 25.02 -2.67 26.32
C ASP D 203 25.60 -4.03 26.67
N LEU D 204 25.92 -4.26 27.95
CA LEU D 204 26.43 -5.56 28.37
C LEU D 204 25.34 -6.61 28.40
N GLU D 205 24.12 -6.23 28.76
CA GLU D 205 23.00 -7.19 28.78
C GLU D 205 22.59 -7.60 27.37
N ALA D 206 22.63 -6.67 26.41
CA ALA D 206 22.30 -7.03 25.04
C ALA D 206 23.33 -7.95 24.42
N LEU D 207 24.62 -7.73 24.70
CA LEU D 207 25.66 -8.60 24.17
C LEU D 207 25.53 -10.01 24.72
N SER D 208 25.22 -10.15 26.01
CA SER D 208 25.00 -11.48 26.58
C SER D 208 23.75 -12.12 26.01
N PHE D 209 22.74 -11.32 25.67
CA PHE D 209 21.53 -11.86 25.06
C PHE D 209 21.84 -12.50 23.70
N LEU D 210 22.66 -11.83 22.89
CA LEU D 210 23.02 -12.40 21.59
C LEU D 210 23.94 -13.60 21.73
N GLN D 211 24.81 -13.60 22.75
CA GLN D 211 25.67 -14.75 22.99
C GLN D 211 24.88 -16.00 23.35
N GLN D 212 23.86 -15.85 24.19
CA GLN D 212 23.09 -17.00 24.66
C GLN D 212 22.11 -17.52 23.62
N HIS D 213 21.52 -16.64 22.81
CA HIS D 213 20.41 -17.01 21.95
C HIS D 213 20.82 -17.41 20.54
N TYR D 214 21.96 -16.95 20.04
CA TYR D 214 22.34 -17.17 18.65
C TYR D 214 23.66 -17.88 18.47
N HIS D 215 24.39 -18.17 19.55
CA HIS D 215 25.58 -19.02 19.54
C HIS D 215 26.65 -18.47 18.59
N VAL D 216 27.15 -17.29 18.95
CA VAL D 216 28.22 -16.64 18.22
C VAL D 216 29.39 -16.40 19.17
N ASN D 217 30.57 -16.17 18.58
CA ASN D 217 31.79 -15.97 19.35
C ASN D 217 32.20 -14.51 19.29
N PHE D 218 32.50 -13.93 20.46
CA PHE D 218 32.98 -12.56 20.55
C PHE D 218 34.43 -12.56 21.05
N TYR D 219 35.25 -11.73 20.44
CA TYR D 219 36.65 -11.60 20.80
C TYR D 219 37.02 -10.14 20.92
N SER D 220 38.02 -9.86 21.76
CA SER D 220 38.55 -8.52 21.97
C SER D 220 40.01 -8.49 21.53
N ILE D 221 40.37 -7.50 20.72
CA ILE D 221 41.71 -7.38 20.17
C ILE D 221 42.48 -6.22 20.79
N SER D 222 41.94 -5.60 21.83
CA SER D 222 42.64 -4.54 22.57
C SER D 222 42.88 -5.01 24.00
N PRO D 223 44.07 -5.49 24.32
CA PRO D 223 44.30 -6.05 25.67
C PRO D 223 44.05 -5.08 26.81
N MET D 224 44.36 -3.79 26.63
CA MET D 224 44.21 -2.83 27.71
C MET D 224 42.79 -2.29 27.84
N SER D 225 41.91 -2.59 26.90
CA SER D 225 40.54 -2.10 26.98
C SER D 225 39.78 -2.81 28.11
N PRO D 226 38.87 -2.09 28.77
CA PRO D 226 38.03 -2.76 29.79
C PRO D 226 37.15 -3.86 29.24
N LEU D 227 36.88 -3.85 27.93
CA LEU D 227 36.06 -4.89 27.32
C LEU D 227 36.71 -6.26 27.42
N SER D 228 38.04 -6.34 27.50
CA SER D 228 38.72 -7.63 27.58
C SER D 228 38.41 -8.37 28.88
N LYS D 229 37.93 -7.67 29.90
CA LYS D 229 37.58 -8.34 31.16
C LYS D 229 36.33 -9.20 31.03
N HIS D 230 35.56 -9.04 29.96
CA HIS D 230 34.34 -9.82 29.77
C HIS D 230 34.43 -10.81 28.63
N PHE D 231 35.35 -10.64 27.69
CA PHE D 231 35.48 -11.54 26.56
C PHE D 231 36.93 -11.97 26.40
N PRO D 232 37.17 -13.22 25.98
CA PRO D 232 38.53 -13.75 25.97
C PRO D 232 39.38 -13.18 24.85
N ILE D 233 40.65 -12.97 25.16
CA ILE D 233 41.63 -12.58 24.13
C ILE D 233 41.91 -13.77 23.22
N PRO D 234 41.93 -13.60 21.91
CA PRO D 234 42.22 -14.73 21.02
C PRO D 234 43.65 -15.23 21.21
N THR D 235 43.88 -16.46 20.75
CA THR D 235 45.19 -17.09 20.85
C THR D 235 46.09 -16.63 19.72
N VAL D 236 47.37 -16.48 20.03
CA VAL D 236 48.36 -16.03 19.05
C VAL D 236 48.59 -17.11 18.01
N PHE D 244 52.94 -4.35 12.23
CA PHE D 244 52.21 -3.51 11.28
C PHE D 244 51.98 -2.11 11.84
N VAL D 245 52.68 -1.14 11.27
CA VAL D 245 52.54 0.25 11.69
C VAL D 245 51.54 0.95 10.79
N ALA D 246 50.57 1.61 11.39
CA ALA D 246 49.53 2.29 10.63
C ALA D 246 50.11 3.49 9.88
N PRO D 247 49.95 3.58 8.57
CA PRO D 247 50.49 4.73 7.84
C PRO D 247 49.81 6.03 8.23
N LEU D 248 50.56 7.11 8.16
CA LEU D 248 50.06 8.44 8.52
C LEU D 248 49.17 8.99 7.41
N LYS D 249 48.22 9.84 7.80
CA LYS D 249 47.33 10.53 6.88
C LYS D 249 47.73 12.00 6.81
N GLU D 250 47.80 12.53 5.59
CA GLU D 250 48.19 13.91 5.35
C GLU D 250 47.12 14.61 4.52
N ASN D 251 46.99 15.92 4.76
CA ASN D 251 46.01 16.79 4.09
C ASN D 251 44.64 16.11 3.96
N TYR D 252 44.22 15.42 5.01
CA TYR D 252 42.94 14.72 5.03
C TYR D 252 41.84 15.59 5.61
N ILE D 253 40.61 15.15 5.43
CA ILE D 253 39.45 15.85 5.96
C ILE D 253 39.24 15.40 7.41
N ASN D 254 39.29 16.36 8.34
CA ASN D 254 39.17 16.07 9.76
C ASN D 254 38.01 16.83 10.38
N ASP D 255 36.98 17.15 9.59
CA ASP D 255 35.81 17.85 10.10
C ASP D 255 34.62 17.52 9.20
N ILE D 256 33.43 17.54 9.79
CA ILE D 256 32.22 17.22 9.05
C ILE D 256 31.82 18.43 8.19
N LEU D 257 31.64 18.19 6.90
CA LEU D 257 31.31 19.26 5.97
C LEU D 257 29.83 19.62 6.07
N LEU D 258 29.53 20.88 5.74
CA LEU D 258 28.18 21.42 5.85
C LEU D 258 27.64 21.78 4.47
N PRO D 259 26.40 21.38 4.16
CA PRO D 259 25.81 21.72 2.86
C PRO D 259 25.53 23.22 2.77
N PRO D 260 25.35 23.75 1.55
CA PRO D 260 25.04 25.17 1.41
C PRO D 260 23.73 25.54 2.06
N HIS D 261 23.49 26.85 2.16
CA HIS D 261 22.33 27.36 2.89
C HIS D 261 21.02 26.99 2.19
N PHE D 262 21.00 27.05 0.85
CA PHE D 262 19.77 26.80 0.12
C PHE D 262 19.28 25.36 0.23
N VAL D 263 20.13 24.43 0.68
CA VAL D 263 19.71 23.04 0.83
C VAL D 263 18.64 22.94 1.92
N TYR D 264 18.82 23.65 3.03
CA TYR D 264 17.85 23.59 4.11
C TYR D 264 16.54 24.29 3.74
N GLU D 265 16.60 25.31 2.88
CA GLU D 265 15.39 26.02 2.51
C GLU D 265 14.42 25.14 1.74
N LYS D 266 14.93 24.33 0.80
CA LYS D 266 14.05 23.47 0.02
C LYS D 266 13.48 22.32 0.84
N LEU D 267 14.14 21.92 1.92
CA LEU D 267 13.64 20.88 2.80
C LEU D 267 12.68 21.42 3.85
N GLY D 268 12.50 22.73 3.95
CA GLY D 268 11.62 23.32 4.93
C GLY D 268 10.55 24.21 4.31
#